data_7CTZ
#
_entry.id   7CTZ
#
_cell.length_a   56.638
_cell.length_b   155.639
_cell.length_c   164.614
_cell.angle_alpha   90.000
_cell.angle_beta   90.000
_cell.angle_gamma   90.000
#
_symmetry.space_group_name_H-M   'P 21 21 21'
#
loop_
_entity.id
_entity.type
_entity.pdbx_description
1 polymer 'Bifunctional dihydrofolate reductase-thymidylate synthase'
2 non-polymer 'NADPH DIHYDRO-NICOTINAMIDE-ADENINE-DINUCLEOTIDE PHOSPHATE'
3 non-polymer "2'-DEOXYURIDINE 5'-MONOPHOSPHATE"
4 non-polymer 1-[3-(trifluoromethyl)phenyl]urea
5 water water
#
_entity_poly.entity_id   1
_entity_poly.type   'polypeptide(L)'
_entity_poly.pdbx_seq_one_letter_code
;MMEQVCDVFDIYAICACCKVESKNEGKKNEVFNNYTFRGLGNKGVLPWKCNSLDMKYFCAVTTYVNESKYEKLKYKRCKY
LNKETVDNVNDMPNSKKLQNVVVMGRTSWESIPKKFKPLSNRINVILSRTLKKEDFDEDVYIINKVEDLIVLLGKLNYYK
CFIIGGSVVYQEFLEKKLIKKIYFTRINSTYECDVFFPEINENEYQIISVSDVYTSNNTTLDFIIYKKTNNKMLNEQNCI
KGEEKNNDMPLKNDDKDTCHMKKLTEFYKNVDKYKINYENDDDDEEEDDFVYFNFNKEKEEKNKNSIHPNDFQIYNSLKY
KYHPEYQYLNIIYDIMMNGNKQSDRTGVGVLSKFGYIMKFDLSQYFPLLTTKKLFLRGIIEELLWFIRGETNGNTLLNKN
VRIWEANGTREFLDNRKLFHREVNDLGPIYGFQWRHFGAEYTNMYDNYENKGVDQLKNIINLIKNDPTSRRILLCAWNVK
DLDQMALPPCHILCQFYVFDGKLSCIMYQRSCDLGLGVPFNIASYSIFTHMIAQVCNLQPAQFIHVLGNAHVYNNHIDSL
KIQLNRIPYPFPTLKLNPDIKNIEDFTISDFTIQNYVHHEKISMDMAA
;
_entity_poly.pdbx_strand_id   A,B
#
loop_
_chem_comp.id
_chem_comp.type
_chem_comp.name
_chem_comp.formula
GF6 non-polymer 1-[3-(trifluoromethyl)phenyl]urea 'C8 H7 F3 N2 O'
NDP non-polymer 'NADPH DIHYDRO-NICOTINAMIDE-ADENINE-DINUCLEOTIDE PHOSPHATE' 'C21 H30 N7 O17 P3'
UMP non-polymer '2'-DEOXYURIDINE 5'-MONOPHOSPHATE' 'C9 H13 N2 O8 P'
#
# COMPACT_ATOMS: atom_id res chain seq x y z
N MET A 2 24.30 26.75 26.75
CA MET A 2 23.96 27.60 25.57
C MET A 2 22.79 26.93 24.81
N GLU A 3 21.89 27.73 24.21
CA GLU A 3 20.73 27.28 23.38
C GLU A 3 20.61 28.21 22.15
N GLN A 4 20.97 27.69 20.95
CA GLN A 4 21.40 28.39 19.70
C GLN A 4 20.39 29.44 19.19
N VAL A 5 20.93 30.46 18.48
CA VAL A 5 20.18 31.69 18.06
C VAL A 5 19.10 31.31 17.04
N CYS A 6 19.41 30.40 16.13
CA CYS A 6 18.51 29.92 15.05
C CYS A 6 17.35 29.07 15.60
N ASP A 7 17.52 28.38 16.72
CA ASP A 7 16.42 27.54 17.28
C ASP A 7 15.37 28.47 17.91
N VAL A 8 15.81 29.53 18.60
CA VAL A 8 14.96 30.49 19.36
C VAL A 8 14.09 31.24 18.36
N PHE A 9 14.75 31.72 17.29
CA PHE A 9 14.22 32.60 16.23
C PHE A 9 13.86 31.81 14.95
N ASP A 10 14.06 30.48 14.90
CA ASP A 10 13.51 29.62 13.82
C ASP A 10 13.86 30.27 12.48
N ILE A 11 15.16 30.45 12.27
CA ILE A 11 15.78 31.03 11.06
C ILE A 11 16.03 29.89 10.09
N TYR A 12 15.35 29.88 8.94
CA TYR A 12 15.57 28.89 7.86
C TYR A 12 16.09 29.58 6.59
N ALA A 13 16.76 28.78 5.75
CA ALA A 13 17.14 29.12 4.37
C ALA A 13 16.25 28.34 3.41
N ILE A 14 15.99 28.94 2.27
CA ILE A 14 15.32 28.27 1.14
C ILE A 14 15.99 28.78 -0.12
N CYS A 15 16.15 27.90 -1.10
CA CYS A 15 16.83 28.18 -2.37
C CYS A 15 16.40 27.14 -3.43
N ALA A 16 16.97 27.31 -4.61
CA ALA A 16 16.77 26.47 -5.80
C ALA A 16 18.10 26.50 -6.55
N CYS A 17 18.61 25.33 -6.89
CA CYS A 17 19.92 25.19 -7.55
C CYS A 17 19.78 24.26 -8.77
N CYS A 18 20.18 24.75 -9.94
CA CYS A 18 20.36 23.92 -11.16
C CYS A 18 21.80 23.40 -11.18
N LYS A 19 22.14 22.58 -12.18
CA LYS A 19 23.53 22.13 -12.45
C LYS A 19 24.17 23.13 -13.39
N VAL A 20 25.51 23.21 -13.43
CA VAL A 20 26.22 24.35 -14.09
C VAL A 20 27.23 23.88 -15.14
N GLU A 21 27.35 24.65 -16.24
CA GLU A 21 28.34 24.45 -17.34
C GLU A 21 29.77 24.67 -16.81
N ASN A 29 31.87 10.38 -18.39
CA ASN A 29 31.94 9.85 -17.00
C ASN A 29 32.29 11.00 -16.03
N GLU A 30 31.34 11.91 -15.79
CA GLU A 30 31.38 12.95 -14.71
C GLU A 30 31.09 12.23 -13.38
N VAL A 31 31.72 12.66 -12.28
CA VAL A 31 31.33 12.27 -10.89
C VAL A 31 30.27 13.28 -10.40
N PHE A 32 29.22 12.80 -9.73
CA PHE A 32 28.05 13.58 -9.26
C PHE A 32 27.95 13.55 -7.73
N ASN A 33 27.67 14.68 -7.09
CA ASN A 33 27.39 14.81 -5.63
C ASN A 33 26.41 15.98 -5.44
N ASN A 34 26.01 16.30 -4.21
CA ASN A 34 24.91 17.28 -4.00
C ASN A 34 25.38 18.66 -4.47
N TYR A 35 26.69 18.82 -4.59
CA TYR A 35 27.34 20.05 -5.11
C TYR A 35 27.19 20.16 -6.63
N THR A 36 26.62 19.15 -7.30
CA THR A 36 26.12 19.24 -8.71
C THR A 36 25.08 20.37 -8.77
N PHE A 37 24.09 20.36 -7.86
CA PHE A 37 23.02 21.39 -7.71
C PHE A 37 23.58 22.50 -6.84
N ARG A 38 23.93 23.62 -7.50
CA ARG A 38 24.65 24.75 -6.85
C ARG A 38 24.38 26.04 -7.63
N GLY A 39 23.74 25.98 -8.80
CA GLY A 39 23.57 27.20 -9.61
C GLY A 39 22.37 28.05 -9.19
N LEU A 40 22.63 29.26 -8.65
CA LEU A 40 21.62 30.21 -8.10
C LEU A 40 21.11 31.23 -9.13
N GLY A 41 22.00 31.87 -9.90
CA GLY A 41 21.61 33.07 -10.68
C GLY A 41 22.51 33.31 -11.85
N ASN A 42 22.07 34.17 -12.76
CA ASN A 42 22.84 34.57 -13.97
C ASN A 42 22.38 35.97 -14.43
N LYS A 43 23.33 36.82 -14.84
CA LYS A 43 23.08 38.24 -15.23
C LYS A 43 22.01 38.85 -14.31
N GLY A 44 22.09 38.64 -12.99
CA GLY A 44 21.18 39.29 -12.02
C GLY A 44 19.81 38.64 -11.88
N VAL A 45 19.35 37.82 -12.83
CA VAL A 45 18.04 37.08 -12.76
C VAL A 45 18.25 35.56 -12.60
N LEU A 46 17.19 34.74 -12.67
CA LEU A 46 17.35 33.27 -12.47
C LEU A 46 17.87 32.61 -13.74
N PRO A 47 18.68 31.53 -13.65
CA PRO A 47 19.31 30.95 -14.83
C PRO A 47 18.29 30.29 -15.77
N TRP A 48 17.38 29.49 -15.21
CA TRP A 48 16.04 29.20 -15.81
C TRP A 48 15.24 30.48 -15.64
N LYS A 49 14.24 30.75 -16.46
CA LYS A 49 13.55 32.07 -16.41
C LYS A 49 12.60 32.04 -15.19
N CYS A 50 11.51 31.30 -15.32
CA CYS A 50 10.49 30.97 -14.29
C CYS A 50 10.42 29.44 -14.22
N ASN A 51 10.57 28.85 -13.03
CA ASN A 51 10.06 27.48 -12.78
C ASN A 51 8.78 27.57 -11.94
N SER A 52 7.61 27.40 -12.52
CA SER A 52 6.34 27.73 -11.86
C SER A 52 6.11 26.81 -10.65
N LEU A 53 6.35 25.52 -10.76
CA LEU A 53 6.06 24.65 -9.60
C LEU A 53 6.95 25.09 -8.44
N ASP A 54 8.21 25.44 -8.68
CA ASP A 54 9.14 25.86 -7.61
C ASP A 54 8.66 27.18 -7.00
N MET A 55 8.19 28.11 -7.85
CA MET A 55 7.52 29.39 -7.50
C MET A 55 6.50 29.05 -6.42
N LYS A 56 5.72 28.02 -6.68
CA LYS A 56 4.51 27.69 -5.89
C LYS A 56 4.95 27.08 -4.57
N TYR A 57 5.98 26.25 -4.56
CA TYR A 57 6.64 25.73 -3.33
C TYR A 57 7.11 26.92 -2.47
N PHE A 58 7.79 27.88 -3.09
CA PHE A 58 8.46 29.01 -2.41
C PHE A 58 7.38 29.83 -1.68
N CYS A 59 6.34 30.23 -2.41
CA CYS A 59 5.13 30.93 -1.88
C CYS A 59 4.54 30.07 -0.76
N ALA A 60 4.35 28.79 -0.97
CA ALA A 60 3.71 27.93 0.06
C ALA A 60 4.56 27.90 1.33
N VAL A 61 5.86 27.64 1.21
CA VAL A 61 6.72 27.48 2.43
C VAL A 61 6.84 28.83 3.14
N THR A 62 7.01 29.94 2.40
CA THR A 62 7.43 31.22 3.02
C THR A 62 6.20 31.98 3.51
N THR A 63 5.00 31.52 3.20
CA THR A 63 3.77 32.20 3.71
C THR A 63 3.01 31.31 4.72
N TYR A 64 3.25 30.00 4.82
CA TYR A 64 2.53 29.14 5.81
C TYR A 64 2.98 29.47 7.24
N VAL A 65 1.97 29.68 8.08
CA VAL A 65 2.07 29.96 9.54
C VAL A 65 1.00 29.09 10.19
N ASN A 66 1.26 28.65 11.42
CA ASN A 66 0.31 27.85 12.23
C ASN A 66 0.11 28.60 13.53
N GLU A 67 -1.07 29.22 13.67
CA GLU A 67 -1.35 30.19 14.76
C GLU A 67 -1.10 29.50 16.11
N SER A 68 -1.53 28.25 16.29
CA SER A 68 -1.59 27.60 17.62
C SER A 68 -0.17 27.41 18.18
N LYS A 69 0.84 27.32 17.29
CA LYS A 69 2.24 27.15 17.74
C LYS A 69 2.84 28.52 18.13
N TYR A 70 2.25 29.65 17.71
CA TYR A 70 2.87 30.97 17.96
C TYR A 70 3.04 31.15 19.47
N GLU A 71 2.03 30.75 20.25
CA GLU A 71 1.97 31.00 21.72
C GLU A 71 3.20 30.34 22.37
N LYS A 72 3.59 29.15 21.90
CA LYS A 72 4.76 28.39 22.42
C LYS A 72 6.05 29.10 22.02
N LEU A 73 6.14 29.67 20.82
CA LEU A 73 7.40 30.25 20.27
C LEU A 73 7.65 31.60 20.94
N LYS A 74 6.60 32.40 21.11
CA LYS A 74 6.62 33.74 21.74
C LYS A 74 7.20 33.60 23.15
N TYR A 75 6.64 32.68 23.93
CA TYR A 75 7.11 32.28 25.28
C TYR A 75 8.62 31.98 25.21
N LYS A 76 9.01 31.05 24.33
CA LYS A 76 10.40 30.56 24.11
C LYS A 76 11.33 31.73 23.85
N ARG A 77 10.90 32.65 23.00
CA ARG A 77 11.69 33.83 22.56
C ARG A 77 11.75 34.84 23.70
N CYS A 78 10.66 35.02 24.45
CA CYS A 78 10.67 35.88 25.65
C CYS A 78 11.62 35.26 26.72
N LYS A 79 11.46 33.97 27.04
CA LYS A 79 12.42 33.18 27.87
C LYS A 79 13.84 33.57 27.47
N TYR A 80 14.21 33.40 26.20
CA TYR A 80 15.59 33.69 25.74
C TYR A 80 15.98 35.14 26.04
N LEU A 81 15.06 36.11 25.92
CA LEU A 81 15.38 37.57 26.03
C LEU A 81 15.04 38.15 27.42
N ASN A 82 14.34 37.40 28.30
CA ASN A 82 13.89 37.80 29.65
C ASN A 82 12.76 38.83 29.51
N LYS A 83 11.60 38.42 28.96
CA LYS A 83 10.33 39.20 28.98
C LYS A 83 9.23 38.33 29.58
N GLU A 84 8.01 38.85 29.67
CA GLU A 84 6.78 38.10 30.07
C GLU A 84 5.54 38.93 29.74
N LYS A 96 -3.19 41.73 14.32
CA LYS A 96 -3.77 41.46 12.98
C LYS A 96 -3.76 39.94 12.69
N LYS A 97 -2.66 39.48 12.04
CA LYS A 97 -2.50 38.22 11.24
C LYS A 97 -1.02 37.80 11.20
N LEU A 98 -0.70 36.61 11.71
CA LEU A 98 0.69 36.11 11.83
C LEU A 98 1.22 35.86 10.42
N GLN A 99 2.44 36.32 10.20
CA GLN A 99 3.19 36.28 8.92
C GLN A 99 4.60 35.78 9.24
N ASN A 100 5.24 35.12 8.29
CA ASN A 100 6.67 34.79 8.38
C ASN A 100 7.45 36.02 7.99
N VAL A 101 8.75 36.00 8.26
CA VAL A 101 9.72 37.05 7.81
C VAL A 101 10.53 36.44 6.67
N VAL A 102 10.81 37.26 5.66
CA VAL A 102 11.74 36.90 4.57
C VAL A 102 12.85 37.95 4.58
N VAL A 103 14.06 37.49 4.34
CA VAL A 103 15.32 38.27 4.47
C VAL A 103 16.11 38.00 3.18
N MET A 104 16.54 39.08 2.51
CA MET A 104 17.22 39.00 1.20
C MET A 104 18.29 40.07 1.06
N GLY A 105 19.31 39.76 0.26
CA GLY A 105 20.31 40.71 -0.25
C GLY A 105 19.67 41.78 -1.12
N ARG A 106 20.31 42.94 -1.22
CA ARG A 106 19.76 44.08 -1.99
C ARG A 106 19.66 43.65 -3.46
N THR A 107 20.63 42.91 -3.99
CA THR A 107 20.62 42.44 -5.41
C THR A 107 19.39 41.58 -5.67
N SER A 108 19.05 40.70 -4.73
CA SER A 108 17.89 39.81 -4.87
C SER A 108 16.60 40.64 -4.93
N TRP A 109 16.48 41.64 -4.07
CA TRP A 109 15.31 42.56 -4.00
C TRP A 109 15.09 43.16 -5.41
N GLU A 110 16.15 43.64 -6.06
CA GLU A 110 16.06 44.36 -7.35
C GLU A 110 15.75 43.35 -8.46
N SER A 111 16.07 42.07 -8.28
CA SER A 111 15.78 41.02 -9.30
C SER A 111 14.32 40.57 -9.19
N ILE A 112 13.59 40.92 -8.13
CA ILE A 112 12.13 40.60 -8.08
C ILE A 112 11.38 41.53 -9.04
N PRO A 113 10.48 40.99 -9.90
CA PRO A 113 9.48 41.81 -10.59
C PRO A 113 8.81 42.90 -9.72
N LYS A 114 8.67 44.10 -10.27
CA LYS A 114 8.14 45.29 -9.55
C LYS A 114 6.80 44.93 -8.92
N LYS A 115 5.94 44.23 -9.68
CA LYS A 115 4.54 43.96 -9.30
C LYS A 115 4.44 42.88 -8.20
N PHE A 116 5.53 42.20 -7.82
CA PHE A 116 5.58 41.19 -6.73
C PHE A 116 6.22 41.78 -5.47
N LYS A 117 6.73 43.01 -5.51
CA LYS A 117 7.40 43.70 -4.38
C LYS A 117 6.36 44.56 -3.66
N PRO A 118 6.27 44.51 -2.31
CA PRO A 118 6.98 43.50 -1.51
C PRO A 118 6.27 42.13 -1.54
N LEU A 119 7.00 41.08 -1.14
CA LEU A 119 6.50 39.69 -1.15
C LEU A 119 5.27 39.65 -0.23
N SER A 120 4.13 39.26 -0.76
CA SER A 120 2.79 39.36 -0.13
C SER A 120 2.71 38.40 1.06
N ASN A 121 1.92 38.79 2.07
CA ASN A 121 1.70 38.11 3.38
C ASN A 121 3.02 37.67 4.04
N ARG A 122 4.07 38.48 3.78
CA ARG A 122 5.42 38.31 4.36
C ARG A 122 5.98 39.66 4.84
N ILE A 123 6.70 39.66 5.95
CA ILE A 123 7.50 40.81 6.41
C ILE A 123 8.86 40.72 5.72
N ASN A 124 9.04 41.54 4.68
CA ASN A 124 10.26 41.69 3.83
C ASN A 124 11.32 42.47 4.58
N VAL A 125 12.45 41.81 4.81
CA VAL A 125 13.67 42.45 5.38
C VAL A 125 14.73 42.39 4.31
N ILE A 126 15.34 43.53 3.96
CA ILE A 126 16.42 43.66 2.94
C ILE A 126 17.74 44.03 3.63
N LEU A 127 18.85 43.38 3.24
CA LEU A 127 20.23 43.71 3.71
C LEU A 127 20.88 44.67 2.71
N SER A 128 21.42 45.82 3.17
CA SER A 128 22.09 46.82 2.30
C SER A 128 22.99 47.79 3.07
N ARG A 129 23.95 48.40 2.36
CA ARG A 129 24.83 49.50 2.81
C ARG A 129 24.61 50.67 1.85
N THR A 130 24.70 50.44 0.54
CA THR A 130 24.48 51.51 -0.46
C THR A 130 23.11 52.21 -0.22
N LEU A 131 22.10 51.50 0.29
CA LEU A 131 20.69 51.93 0.33
C LEU A 131 20.16 51.88 1.78
N LYS A 132 19.27 52.82 2.10
CA LYS A 132 18.60 53.01 3.41
C LYS A 132 17.10 53.22 3.19
N LYS A 133 16.30 53.26 4.26
CA LYS A 133 14.81 53.23 4.09
C LYS A 133 14.33 54.27 3.06
N GLU A 134 15.01 55.42 2.95
CA GLU A 134 14.57 56.56 2.09
C GLU A 134 14.77 56.18 0.61
N ASP A 135 15.70 55.28 0.29
CA ASP A 135 15.93 54.77 -1.09
C ASP A 135 14.82 53.80 -1.57
N PHE A 136 13.72 53.62 -0.81
CA PHE A 136 12.66 52.59 -1.03
C PHE A 136 11.25 53.14 -0.76
N ASP A 137 10.31 52.76 -1.62
CA ASP A 137 8.88 53.16 -1.58
C ASP A 137 8.04 52.18 -0.73
N GLU A 138 8.51 50.95 -0.61
CA GLU A 138 7.73 49.78 -0.15
C GLU A 138 7.85 49.58 1.36
N ASP A 139 6.83 48.89 1.89
CA ASP A 139 6.68 48.38 3.28
C ASP A 139 7.74 47.29 3.48
N VAL A 140 8.96 47.70 3.80
CA VAL A 140 10.13 46.80 3.96
C VAL A 140 10.93 47.32 5.13
N TYR A 141 11.66 46.45 5.78
CA TYR A 141 12.66 46.86 6.80
C TYR A 141 14.02 46.81 6.10
N ILE A 142 14.82 47.86 6.21
CA ILE A 142 16.25 47.84 5.80
C ILE A 142 17.10 47.59 7.06
N ILE A 143 18.06 46.66 6.98
CA ILE A 143 19.17 46.45 7.96
C ILE A 143 20.52 46.44 7.22
N ASN A 144 21.62 46.64 7.94
CA ASN A 144 22.96 46.79 7.31
C ASN A 144 23.98 45.89 8.01
N LYS A 145 23.55 44.76 8.53
CA LYS A 145 24.24 44.06 9.64
C LYS A 145 23.40 42.84 10.01
N VAL A 146 24.03 41.68 10.13
CA VAL A 146 23.32 40.41 10.52
C VAL A 146 22.84 40.56 11.97
N GLU A 147 23.71 41.06 12.86
CA GLU A 147 23.34 41.52 14.23
C GLU A 147 21.92 42.09 14.18
N ASP A 148 21.67 43.03 13.23
CA ASP A 148 20.44 43.87 13.20
C ASP A 148 19.22 42.96 13.02
N LEU A 149 19.34 41.85 12.29
CA LEU A 149 18.17 40.97 12.04
C LEU A 149 17.70 40.38 13.37
N ILE A 150 18.62 39.83 14.19
CA ILE A 150 18.33 39.20 15.52
C ILE A 150 17.57 40.22 16.40
N VAL A 151 17.93 41.50 16.31
CA VAL A 151 17.29 42.56 17.11
C VAL A 151 15.89 42.84 16.54
N LEU A 152 15.77 43.01 15.23
CA LEU A 152 14.44 43.13 14.58
C LEU A 152 13.58 41.93 15.02
N LEU A 153 14.13 40.72 15.05
CA LEU A 153 13.30 39.50 15.20
C LEU A 153 12.73 39.46 16.62
N GLY A 154 13.58 39.67 17.64
CA GLY A 154 13.25 39.83 19.07
C GLY A 154 12.24 40.95 19.36
N LYS A 155 12.04 41.87 18.41
CA LYS A 155 11.03 42.96 18.50
C LYS A 155 9.74 42.57 17.79
N LEU A 156 9.78 41.76 16.73
CA LEU A 156 8.61 41.55 15.84
C LEU A 156 7.80 40.33 16.29
N ASN A 157 6.50 40.34 16.00
CA ASN A 157 5.60 39.15 16.05
C ASN A 157 5.59 38.47 14.67
N TYR A 158 6.04 37.20 14.59
CA TYR A 158 6.23 36.42 13.35
C TYR A 158 6.35 34.92 13.70
N TYR A 159 5.95 34.07 12.77
CA TYR A 159 5.98 32.59 12.88
C TYR A 159 7.43 32.09 12.71
N LYS A 160 7.91 32.09 11.48
CA LYS A 160 9.26 31.58 11.14
C LYS A 160 9.95 32.64 10.28
N CYS A 161 11.29 32.67 10.30
CA CYS A 161 12.13 33.62 9.50
C CYS A 161 12.95 32.86 8.45
N PHE A 162 12.78 33.25 7.17
CA PHE A 162 13.29 32.58 5.95
C PHE A 162 14.31 33.49 5.24
N ILE A 163 15.52 32.97 5.05
CA ILE A 163 16.65 33.64 4.35
C ILE A 163 16.47 33.24 2.88
N ILE A 164 16.19 34.19 1.97
CA ILE A 164 15.76 33.86 0.59
C ILE A 164 16.86 34.23 -0.39
N GLY A 165 18.07 34.46 0.13
CA GLY A 165 19.29 34.68 -0.70
C GLY A 165 19.60 36.17 -0.87
N GLY A 166 20.50 36.52 -1.79
CA GLY A 166 21.10 35.58 -2.73
C GLY A 166 22.37 34.91 -2.21
N SER A 167 23.43 34.89 -3.01
CA SER A 167 24.59 34.02 -2.71
C SER A 167 25.40 34.53 -1.50
N VAL A 168 25.66 35.83 -1.47
CA VAL A 168 26.44 36.50 -0.39
C VAL A 168 25.74 36.18 0.94
N VAL A 169 24.40 36.31 0.94
CA VAL A 169 23.52 36.20 2.13
C VAL A 169 23.49 34.73 2.60
N TYR A 170 23.18 33.78 1.73
CA TYR A 170 23.28 32.31 2.00
C TYR A 170 24.65 32.02 2.58
N GLN A 171 25.71 32.47 1.89
CA GLN A 171 27.12 32.31 2.35
C GLN A 171 27.25 32.70 3.83
N GLU A 172 26.94 33.94 4.23
CA GLU A 172 27.27 34.47 5.58
C GLU A 172 26.33 33.88 6.64
N PHE A 173 25.03 33.77 6.38
CA PHE A 173 24.11 33.10 7.32
C PHE A 173 24.58 31.67 7.61
N LEU A 174 24.76 30.82 6.59
CA LEU A 174 25.35 29.47 6.77
C LEU A 174 26.68 29.55 7.53
N GLU A 175 27.57 30.48 7.14
CA GLU A 175 28.89 30.82 7.77
C GLU A 175 28.73 30.82 9.30
N LYS A 176 27.68 31.48 9.82
CA LYS A 176 27.44 31.69 11.27
C LYS A 176 26.43 30.67 11.82
N LYS A 177 26.36 29.46 11.27
CA LYS A 177 25.30 28.46 11.59
C LYS A 177 24.04 29.19 12.09
N LEU A 178 23.55 30.18 11.35
CA LEU A 178 22.30 30.89 11.72
C LEU A 178 21.07 30.18 11.12
N ILE A 179 21.23 29.01 10.48
CA ILE A 179 20.19 28.22 9.74
C ILE A 179 19.86 26.92 10.49
N LYS A 180 18.60 26.75 10.89
CA LYS A 180 18.08 25.50 11.51
C LYS A 180 17.97 24.39 10.45
N LYS A 181 17.45 24.71 9.26
CA LYS A 181 17.34 23.79 8.11
C LYS A 181 17.36 24.57 6.80
N ILE A 182 17.85 23.94 5.73
CA ILE A 182 17.80 24.48 4.34
C ILE A 182 16.71 23.72 3.58
N TYR A 183 15.71 24.44 3.06
CA TYR A 183 14.71 23.92 2.10
C TYR A 183 15.32 24.21 0.73
N PHE A 184 15.82 23.16 0.06
CA PHE A 184 16.71 23.23 -1.13
C PHE A 184 15.98 22.58 -2.30
N THR A 185 15.96 23.23 -3.46
CA THR A 185 15.23 22.74 -4.64
C THR A 185 16.28 22.30 -5.66
N ARG A 186 16.17 21.07 -6.13
CA ARG A 186 17.10 20.53 -7.13
C ARG A 186 16.35 20.64 -8.46
N ILE A 187 16.68 21.69 -9.21
CA ILE A 187 16.31 21.81 -10.64
C ILE A 187 17.26 20.89 -11.44
N ASN A 188 16.72 19.86 -12.10
CA ASN A 188 17.54 18.80 -12.76
C ASN A 188 17.73 19.16 -14.23
N SER A 189 18.40 20.28 -14.47
CA SER A 189 18.77 20.73 -15.83
C SER A 189 20.00 21.61 -15.71
N THR A 190 20.65 21.91 -16.83
CA THR A 190 21.92 22.69 -16.85
C THR A 190 21.67 24.06 -17.51
N TYR A 191 21.99 25.16 -16.81
CA TYR A 191 21.92 26.55 -17.34
C TYR A 191 23.25 27.28 -17.11
N GLU A 192 23.42 28.35 -17.90
CA GLU A 192 24.47 29.38 -17.76
C GLU A 192 24.19 30.08 -16.42
N CYS A 193 25.24 30.28 -15.60
CA CYS A 193 25.22 30.72 -14.20
C CYS A 193 26.40 31.64 -13.91
N ASP A 194 26.19 32.77 -13.21
CA ASP A 194 27.31 33.61 -12.69
C ASP A 194 27.41 33.48 -11.17
N VAL A 195 26.36 33.07 -10.45
CA VAL A 195 26.43 32.95 -8.95
C VAL A 195 25.94 31.57 -8.50
N PHE A 196 26.54 31.10 -7.39
CA PHE A 196 26.51 29.70 -6.91
C PHE A 196 26.13 29.66 -5.42
N PHE A 197 25.37 28.64 -5.04
CA PHE A 197 25.15 28.33 -3.62
C PHE A 197 26.48 27.90 -3.00
N PRO A 198 26.71 28.21 -1.72
CA PRO A 198 27.84 27.65 -1.01
C PRO A 198 27.86 26.11 -0.98
N GLU A 199 29.05 25.52 -1.10
CA GLU A 199 29.25 24.08 -0.80
C GLU A 199 28.84 23.83 0.66
N ILE A 200 27.69 23.22 0.89
CA ILE A 200 27.20 22.81 2.24
C ILE A 200 28.22 21.88 2.88
N ASN A 201 28.71 22.17 4.11
CA ASN A 201 29.55 21.21 4.88
C ASN A 201 28.66 20.08 5.44
N GLU A 202 28.90 18.83 5.02
CA GLU A 202 28.07 17.65 5.37
C GLU A 202 28.24 17.29 6.86
N ASN A 203 29.28 17.75 7.55
CA ASN A 203 29.35 17.56 9.02
C ASN A 203 28.32 18.47 9.65
N GLU A 204 28.14 19.66 9.07
CA GLU A 204 27.30 20.74 9.65
C GLU A 204 25.83 20.53 9.29
N TYR A 205 25.54 20.08 8.06
CA TYR A 205 24.17 19.83 7.52
C TYR A 205 24.09 18.44 6.86
N GLN A 206 23.15 17.59 7.32
CA GLN A 206 22.77 16.31 6.63
C GLN A 206 21.31 16.41 6.15
N ILE A 207 20.98 15.72 5.06
CA ILE A 207 19.63 15.60 4.47
C ILE A 207 18.76 14.70 5.38
N ILE A 208 17.48 15.05 5.56
CA ILE A 208 16.54 14.30 6.43
C ILE A 208 15.30 13.92 5.64
N SER A 209 15.08 14.59 4.53
CA SER A 209 13.81 14.48 3.79
C SER A 209 14.04 14.77 2.31
N VAL A 210 13.32 14.06 1.45
CA VAL A 210 13.41 14.28 -0.01
C VAL A 210 12.03 14.01 -0.59
N SER A 211 11.56 14.91 -1.45
CA SER A 211 10.13 14.96 -1.85
C SER A 211 9.93 13.98 -3.00
N ASP A 212 8.71 13.99 -3.48
CA ASP A 212 8.33 13.40 -4.76
C ASP A 212 9.08 14.21 -5.81
N VAL A 213 9.13 13.67 -7.04
CA VAL A 213 9.78 14.31 -8.21
C VAL A 213 8.65 14.77 -9.14
N TYR A 214 8.85 15.88 -9.84
CA TYR A 214 7.81 16.57 -10.63
C TYR A 214 8.44 17.04 -11.93
N THR A 215 7.61 17.33 -12.91
CA THR A 215 7.98 18.12 -14.12
C THR A 215 7.36 19.52 -14.04
N SER A 216 8.03 20.50 -14.58
CA SER A 216 7.49 21.88 -14.72
C SER A 216 8.43 22.62 -15.66
N ASN A 217 7.90 23.29 -16.67
CA ASN A 217 8.75 24.03 -17.62
C ASN A 217 9.95 23.17 -18.00
N ASN A 218 9.67 21.92 -18.42
CA ASN A 218 10.57 21.08 -19.25
C ASN A 218 11.78 20.62 -18.46
N THR A 219 11.63 20.48 -17.15
CA THR A 219 12.69 19.96 -16.26
C THR A 219 12.06 19.22 -15.09
N THR A 220 12.73 18.19 -14.63
CA THR A 220 12.34 17.52 -13.39
C THR A 220 12.99 18.34 -12.29
N LEU A 221 12.42 18.20 -11.10
CA LEU A 221 12.90 18.83 -9.87
C LEU A 221 12.34 18.01 -8.70
N ASP A 222 13.04 18.04 -7.57
CA ASP A 222 12.58 17.54 -6.25
C ASP A 222 12.87 18.63 -5.22
N PHE A 223 12.43 18.42 -3.97
CA PHE A 223 12.57 19.33 -2.80
C PHE A 223 13.22 18.56 -1.66
N ILE A 224 14.44 18.95 -1.30
CA ILE A 224 15.12 18.28 -0.17
C ILE A 224 15.21 19.29 0.98
N ILE A 225 15.45 18.73 2.16
CA ILE A 225 15.54 19.46 3.44
C ILE A 225 16.83 18.99 4.07
N TYR A 226 17.79 19.89 4.16
CA TYR A 226 18.97 19.72 5.03
C TYR A 226 18.55 20.11 6.45
N LYS A 227 18.92 19.30 7.45
CA LYS A 227 18.83 19.73 8.88
C LYS A 227 20.25 19.89 9.40
N LYS A 228 20.42 20.90 10.25
CA LYS A 228 21.63 21.15 11.07
C LYS A 228 21.75 20.05 12.11
N THR A 229 22.93 19.47 12.27
CA THR A 229 23.19 18.35 13.21
C THR A 229 23.08 18.84 14.66
N ASP A 283 -6.30 14.87 21.07
CA ASP A 283 -6.97 14.22 22.23
C ASP A 283 -6.42 12.79 22.35
N ASP A 284 -5.46 12.61 23.26
CA ASP A 284 -4.63 11.38 23.39
C ASP A 284 -5.43 10.25 24.08
N GLU A 285 -6.77 10.29 24.00
CA GLU A 285 -7.69 9.14 24.27
C GLU A 285 -7.38 8.06 23.23
N GLU A 286 -7.91 8.24 22.02
CA GLU A 286 -7.55 7.48 20.79
C GLU A 286 -6.05 7.72 20.53
N GLU A 287 -5.21 6.95 21.23
CA GLU A 287 -3.74 7.16 21.39
C GLU A 287 -3.15 5.94 22.14
N ASP A 288 -3.87 5.45 23.16
CA ASP A 288 -3.62 4.15 23.84
C ASP A 288 -4.40 3.05 23.10
N ASP A 289 -5.62 3.36 22.62
CA ASP A 289 -6.37 2.44 21.72
C ASP A 289 -5.38 1.82 20.73
N PHE A 290 -4.54 2.66 20.12
CA PHE A 290 -3.47 2.27 19.17
C PHE A 290 -2.58 1.19 19.79
N VAL A 291 -2.13 1.37 21.04
CA VAL A 291 -1.17 0.43 21.71
C VAL A 291 -1.90 -0.88 22.07
N TYR A 292 -3.17 -0.81 22.53
CA TYR A 292 -4.01 -2.00 22.86
C TYR A 292 -4.08 -2.86 21.60
N PHE A 293 -4.46 -2.22 20.50
CA PHE A 293 -4.77 -2.83 19.17
C PHE A 293 -3.51 -3.37 18.51
N ASN A 294 -2.32 -3.07 19.05
CA ASN A 294 -1.03 -3.62 18.57
C ASN A 294 -0.48 -4.56 19.63
N PHE A 295 -1.31 -4.92 20.61
CA PHE A 295 -0.91 -5.84 21.70
C PHE A 295 -0.10 -6.97 21.08
N ASN A 296 -0.77 -7.86 20.35
CA ASN A 296 -0.17 -9.00 19.62
C ASN A 296 0.81 -8.40 18.60
N LYS A 297 1.98 -9.02 18.41
CA LYS A 297 2.94 -8.68 17.33
C LYS A 297 4.31 -9.32 17.58
N GLU A 298 5.16 -9.21 16.55
CA GLU A 298 6.59 -9.60 16.51
C GLU A 298 7.42 -8.66 17.40
N LYS A 299 8.46 -9.21 18.03
CA LYS A 299 9.48 -8.49 18.87
C LYS A 299 10.59 -7.97 17.94
N GLU A 300 11.80 -7.75 18.46
CA GLU A 300 13.00 -7.26 17.71
C GLU A 300 13.94 -8.43 17.38
N GLU A 301 13.59 -9.65 17.83
CA GLU A 301 14.24 -10.96 17.48
C GLU A 301 13.30 -11.83 16.65
N LYS A 302 11.99 -11.48 16.60
CA LYS A 302 10.97 -12.01 15.63
C LYS A 302 10.72 -10.94 14.54
N ASN A 303 11.57 -9.90 14.43
CA ASN A 303 11.87 -9.23 13.12
C ASN A 303 12.93 -10.10 12.40
N LYS A 304 12.46 -11.28 11.97
CA LYS A 304 13.12 -12.48 11.37
C LYS A 304 14.65 -12.34 11.32
N ASN A 305 15.14 -11.47 10.43
CA ASN A 305 16.58 -11.23 10.20
C ASN A 305 16.89 -9.89 10.89
N SER A 306 17.55 -9.91 12.04
CA SER A 306 18.23 -8.72 12.60
C SER A 306 19.63 -8.66 11.98
N ILE A 307 19.68 -8.27 10.68
CA ILE A 307 20.78 -7.51 10.00
C ILE A 307 20.79 -6.14 10.70
N HIS A 308 21.96 -5.49 10.85
CA HIS A 308 22.18 -4.46 11.89
C HIS A 308 21.51 -3.14 11.49
N PRO A 309 21.01 -2.34 12.47
CA PRO A 309 20.34 -1.09 12.14
C PRO A 309 21.42 -0.19 11.51
N ASN A 310 22.40 0.20 12.35
CA ASN A 310 23.66 0.95 12.05
C ASN A 310 24.04 0.93 10.58
N ASP A 311 23.93 -0.22 9.93
CA ASP A 311 24.25 -0.37 8.49
C ASP A 311 23.41 0.61 7.66
N PHE A 312 22.11 0.79 7.95
CA PHE A 312 21.21 1.77 7.28
C PHE A 312 21.08 3.10 8.06
N GLN A 313 22.17 3.58 8.68
CA GLN A 313 22.18 4.82 9.50
C GLN A 313 21.53 5.96 8.71
N ILE A 314 22.03 6.22 7.51
CA ILE A 314 21.51 7.34 6.67
C ILE A 314 20.04 7.11 6.31
N TYR A 315 19.64 5.92 5.85
CA TYR A 315 18.27 5.60 5.38
C TYR A 315 17.24 5.72 6.54
N ASN A 316 17.62 5.38 7.76
CA ASN A 316 16.68 5.34 8.92
C ASN A 316 16.56 6.75 9.51
N SER A 317 17.64 7.54 9.35
CA SER A 317 17.80 8.93 9.85
C SER A 317 16.95 9.91 9.02
N LEU A 318 16.58 9.53 7.79
CA LEU A 318 15.64 10.28 6.93
C LEU A 318 14.27 10.21 7.58
N LYS A 319 13.53 11.33 7.65
CA LYS A 319 12.17 11.38 8.24
C LYS A 319 11.20 11.11 7.11
N TYR A 320 11.23 11.93 6.06
CA TYR A 320 10.24 11.90 4.95
C TYR A 320 10.97 11.30 3.74
N LYS A 321 10.36 10.31 3.11
CA LYS A 321 11.00 9.54 2.01
C LYS A 321 10.01 9.41 0.87
N TYR A 322 9.75 10.50 0.15
CA TYR A 322 8.59 10.65 -0.77
C TYR A 322 9.06 10.48 -2.22
N HIS A 323 10.38 10.56 -2.48
CA HIS A 323 11.00 10.33 -3.83
C HIS A 323 10.63 8.93 -4.31
N PRO A 324 10.06 8.77 -5.51
CA PRO A 324 9.57 7.47 -5.91
C PRO A 324 10.61 6.34 -5.87
N GLU A 325 11.90 6.64 -6.01
CA GLU A 325 12.96 5.59 -5.94
C GLU A 325 12.86 4.81 -4.62
N TYR A 326 12.26 5.38 -3.57
CA TYR A 326 12.14 4.73 -2.24
C TYR A 326 11.09 3.62 -2.29
N GLN A 327 10.24 3.59 -3.32
CA GLN A 327 9.36 2.42 -3.55
C GLN A 327 10.25 1.20 -3.76
N TYR A 328 11.28 1.33 -4.58
CA TYR A 328 12.25 0.25 -4.89
C TYR A 328 13.09 0.00 -3.62
N LEU A 329 13.64 1.08 -3.05
CA LEU A 329 14.54 0.96 -1.88
C LEU A 329 13.78 0.36 -0.70
N ASN A 330 12.53 0.73 -0.47
CA ASN A 330 11.76 0.24 0.71
C ASN A 330 11.46 -1.25 0.59
N ILE A 331 11.26 -1.76 -0.63
CA ILE A 331 11.05 -3.22 -0.88
C ILE A 331 12.32 -3.98 -0.50
N ILE A 332 13.47 -3.47 -0.90
CA ILE A 332 14.79 -4.02 -0.48
C ILE A 332 14.86 -4.08 1.04
N TYR A 333 14.58 -2.97 1.72
CA TYR A 333 14.62 -2.93 3.21
C TYR A 333 13.71 -4.05 3.75
N ASP A 334 12.44 -4.03 3.33
CA ASP A 334 11.37 -4.92 3.83
C ASP A 334 11.81 -6.36 3.63
N ILE A 335 12.36 -6.68 2.46
CA ILE A 335 12.78 -8.07 2.13
C ILE A 335 13.97 -8.39 3.03
N MET A 336 14.90 -7.47 3.22
CA MET A 336 16.15 -7.75 4.00
C MET A 336 15.82 -8.01 5.47
N MET A 337 14.67 -7.51 5.94
CA MET A 337 14.30 -7.52 7.37
C MET A 337 13.26 -8.59 7.66
N ASN A 338 12.29 -8.81 6.76
CA ASN A 338 11.12 -9.71 6.95
C ASN A 338 11.25 -10.96 6.09
N GLY A 339 12.30 -11.01 5.26
CA GLY A 339 12.41 -11.98 4.16
C GLY A 339 12.49 -13.40 4.66
N ASN A 340 11.99 -14.34 3.88
CA ASN A 340 12.12 -15.79 4.11
C ASN A 340 13.44 -16.24 3.49
N LYS A 341 14.28 -16.90 4.29
CA LYS A 341 15.46 -17.68 3.83
C LYS A 341 14.95 -18.85 2.98
N GLN A 342 15.30 -18.89 1.69
CA GLN A 342 15.05 -20.07 0.78
C GLN A 342 16.30 -20.36 -0.05
N SER A 343 16.41 -21.56 -0.61
CA SER A 343 17.30 -21.91 -1.75
C SER A 343 16.57 -21.62 -3.06
N ASP A 344 17.23 -21.81 -4.21
CA ASP A 344 16.67 -21.45 -5.55
C ASP A 344 17.30 -22.30 -6.66
N ARG A 345 16.88 -22.02 -7.90
CA ARG A 345 17.23 -22.75 -9.14
C ARG A 345 18.76 -22.83 -9.28
N THR A 346 19.46 -21.70 -9.14
CA THR A 346 20.95 -21.58 -9.20
C THR A 346 21.57 -22.32 -8.00
N GLY A 347 20.92 -22.31 -6.82
CA GLY A 347 21.37 -22.96 -5.57
C GLY A 347 21.93 -21.97 -4.55
N VAL A 348 21.72 -20.66 -4.79
CA VAL A 348 22.49 -19.48 -4.27
C VAL A 348 22.01 -19.14 -2.85
N GLY A 349 20.70 -19.05 -2.69
CA GLY A 349 20.11 -18.55 -1.42
C GLY A 349 19.58 -17.13 -1.58
N VAL A 350 18.41 -16.90 -1.05
CA VAL A 350 17.64 -15.65 -1.25
C VAL A 350 16.96 -15.39 0.07
N LEU A 351 16.69 -14.11 0.33
CA LEU A 351 15.57 -13.66 1.18
C LEU A 351 14.43 -13.39 0.22
N SER A 352 13.24 -13.95 0.46
CA SER A 352 12.07 -13.79 -0.44
C SER A 352 10.87 -13.28 0.33
N LYS A 353 10.04 -12.46 -0.32
CA LYS A 353 8.63 -12.16 0.06
C LYS A 353 7.81 -12.24 -1.23
N PHE A 354 6.52 -11.94 -1.20
CA PHE A 354 5.55 -12.37 -2.23
C PHE A 354 4.44 -11.35 -2.39
N GLY A 355 4.46 -10.55 -3.47
CA GLY A 355 3.36 -9.65 -3.86
C GLY A 355 3.65 -8.24 -3.39
N TYR A 356 4.26 -7.42 -4.23
CA TYR A 356 4.41 -5.97 -3.97
C TYR A 356 3.93 -5.23 -5.20
N ILE A 357 3.80 -3.93 -5.06
CA ILE A 357 3.23 -3.03 -6.10
C ILE A 357 4.06 -1.74 -6.02
N MET A 358 4.60 -1.30 -7.15
CA MET A 358 5.32 0.00 -7.30
C MET A 358 4.55 0.78 -8.37
N LYS A 359 4.30 2.07 -8.18
CA LYS A 359 3.67 2.91 -9.23
C LYS A 359 4.59 4.08 -9.55
N PHE A 360 4.75 4.40 -10.82
CA PHE A 360 5.67 5.45 -11.29
C PHE A 360 4.92 6.41 -12.22
N ASP A 361 5.00 7.69 -11.95
CA ASP A 361 4.29 8.67 -12.78
C ASP A 361 5.29 9.07 -13.87
N LEU A 362 5.22 8.38 -15.00
CA LEU A 362 6.06 8.58 -16.22
C LEU A 362 5.80 9.96 -16.83
N SER A 363 4.73 10.65 -16.44
CA SER A 363 4.40 12.01 -16.91
C SER A 363 5.19 13.04 -16.11
N GLN A 364 5.67 12.68 -14.92
CA GLN A 364 6.45 13.58 -14.02
C GLN A 364 7.95 13.22 -14.06
N TYR A 365 8.33 12.02 -14.54
CA TYR A 365 9.75 11.57 -14.60
C TYR A 365 9.87 10.22 -15.32
N PHE A 366 11.11 9.85 -15.61
CA PHE A 366 11.55 8.53 -16.13
C PHE A 366 12.26 7.84 -14.97
N PRO A 367 11.65 6.77 -14.38
CA PRO A 367 12.13 6.23 -13.11
C PRO A 367 13.33 5.29 -13.31
N LEU A 368 14.41 5.87 -13.80
CA LEU A 368 15.73 5.23 -13.89
C LEU A 368 16.45 5.42 -12.57
N LEU A 369 16.70 4.37 -11.80
CA LEU A 369 17.39 4.44 -10.48
C LEU A 369 18.64 5.33 -10.52
N THR A 370 18.89 6.02 -9.42
CA THR A 370 19.94 7.07 -9.28
C THR A 370 20.93 6.60 -8.22
N THR A 371 20.51 5.69 -7.34
CA THR A 371 21.37 5.18 -6.26
C THR A 371 22.47 4.28 -6.85
N LYS A 372 22.47 4.03 -8.16
CA LYS A 372 23.52 3.25 -8.83
C LYS A 372 23.47 3.59 -10.33
N LYS A 373 24.63 3.56 -11.01
CA LYS A 373 24.74 3.89 -12.46
C LYS A 373 24.12 2.78 -13.32
N LEU A 374 23.22 3.17 -14.22
CA LEU A 374 22.49 2.25 -15.12
C LEU A 374 22.67 2.73 -16.54
N PHE A 375 22.89 1.81 -17.48
CA PHE A 375 23.04 2.11 -18.93
C PHE A 375 21.83 1.46 -19.57
N LEU A 376 21.24 2.06 -20.60
CA LEU A 376 19.96 1.61 -21.18
C LEU A 376 20.10 1.19 -22.66
N ARG A 377 21.32 1.14 -23.21
CA ARG A 377 21.51 0.79 -24.63
C ARG A 377 21.01 -0.64 -24.80
N GLY A 378 21.54 -1.55 -23.99
CA GLY A 378 21.27 -2.99 -24.05
C GLY A 378 19.79 -3.25 -24.02
N ILE A 379 19.13 -2.77 -22.96
CA ILE A 379 17.69 -3.02 -22.74
C ILE A 379 16.86 -2.22 -23.75
N ILE A 380 17.41 -1.23 -24.43
CA ILE A 380 16.63 -0.58 -25.53
C ILE A 380 16.74 -1.50 -26.77
N GLU A 381 17.95 -2.03 -27.07
CA GLU A 381 18.18 -2.95 -28.22
C GLU A 381 17.36 -4.22 -27.98
N GLU A 382 17.38 -4.78 -26.76
CA GLU A 382 16.47 -5.89 -26.34
C GLU A 382 14.98 -5.64 -26.63
N LEU A 383 14.46 -4.45 -26.28
CA LEU A 383 13.04 -4.10 -26.47
C LEU A 383 12.70 -4.07 -27.97
N LEU A 384 13.55 -3.42 -28.77
CA LEU A 384 13.28 -3.28 -30.21
C LEU A 384 13.31 -4.68 -30.85
N TRP A 385 14.37 -5.44 -30.58
CA TRP A 385 14.53 -6.87 -30.92
C TRP A 385 13.24 -7.65 -30.60
N PHE A 386 12.62 -7.43 -29.42
CA PHE A 386 11.29 -7.99 -29.06
C PHE A 386 10.25 -7.59 -30.12
N ILE A 387 10.07 -6.30 -30.35
CA ILE A 387 8.96 -5.76 -31.20
C ILE A 387 9.09 -6.34 -32.62
N ARG A 388 10.32 -6.65 -33.03
CA ARG A 388 10.58 -7.26 -34.37
C ARG A 388 10.23 -8.75 -34.35
N GLY A 389 9.89 -9.34 -33.21
CA GLY A 389 9.58 -10.78 -33.12
C GLY A 389 10.83 -11.67 -33.20
N GLU A 390 12.02 -11.13 -33.09
CA GLU A 390 13.27 -11.91 -33.19
C GLU A 390 13.44 -12.81 -31.97
N THR A 391 13.96 -14.01 -32.23
CA THR A 391 14.42 -14.98 -31.22
C THR A 391 15.92 -15.26 -31.45
N ASN A 392 16.64 -14.43 -32.20
CA ASN A 392 18.05 -14.70 -32.62
C ASN A 392 19.09 -14.04 -31.68
N GLY A 393 19.76 -14.83 -30.83
CA GLY A 393 20.73 -14.29 -29.85
C GLY A 393 21.88 -13.53 -30.52
N ASN A 394 22.19 -13.89 -31.76
CA ASN A 394 23.28 -13.27 -32.54
C ASN A 394 22.92 -11.83 -32.93
N THR A 395 21.64 -11.52 -33.22
CA THR A 395 21.28 -10.14 -33.61
C THR A 395 21.83 -9.23 -32.53
N LEU A 396 21.63 -9.62 -31.26
CA LEU A 396 22.00 -8.84 -30.04
C LEU A 396 23.50 -8.91 -29.82
N LEU A 397 24.13 -10.09 -29.96
CA LEU A 397 25.59 -10.18 -29.66
C LEU A 397 26.38 -9.36 -30.70
N ASN A 398 25.90 -9.20 -31.93
CA ASN A 398 26.47 -8.35 -33.02
C ASN A 398 26.33 -6.84 -32.73
N LYS A 399 25.36 -6.40 -31.91
CA LYS A 399 25.28 -5.04 -31.32
C LYS A 399 25.97 -5.04 -29.95
N ASN A 400 26.80 -6.06 -29.70
CA ASN A 400 27.63 -6.21 -28.48
C ASN A 400 26.73 -6.08 -27.24
N VAL A 401 25.57 -6.73 -27.27
CA VAL A 401 24.58 -6.77 -26.14
C VAL A 401 24.50 -8.20 -25.65
N ARG A 402 24.82 -8.42 -24.37
CA ARG A 402 25.14 -9.76 -23.79
C ARG A 402 24.01 -10.20 -22.84
N ILE A 403 22.90 -9.49 -22.87
CA ILE A 403 21.72 -9.73 -22.00
C ILE A 403 21.33 -11.21 -22.06
N TRP A 404 21.12 -11.77 -23.26
CA TRP A 404 20.66 -13.17 -23.48
C TRP A 404 21.81 -14.13 -23.86
N GLU A 405 23.08 -13.80 -23.61
CA GLU A 405 24.23 -14.64 -24.09
C GLU A 405 24.22 -16.01 -23.38
N ALA A 406 24.33 -16.01 -22.06
CA ALA A 406 24.48 -17.22 -21.23
C ALA A 406 23.37 -18.20 -21.57
N ASN A 407 22.18 -17.68 -21.90
CA ASN A 407 20.94 -18.48 -22.01
C ASN A 407 20.96 -19.24 -23.33
N GLY A 408 21.93 -18.91 -24.19
CA GLY A 408 22.05 -19.39 -25.58
C GLY A 408 23.16 -20.42 -25.82
N THR A 409 23.92 -20.82 -24.81
CA THR A 409 25.11 -21.67 -24.99
C THR A 409 24.68 -23.12 -25.24
N ARG A 410 25.64 -23.93 -25.71
CA ARG A 410 25.41 -25.39 -25.88
C ARG A 410 25.02 -25.94 -24.51
N GLU A 411 25.80 -25.63 -23.46
CA GLU A 411 25.61 -26.21 -22.11
C GLU A 411 24.23 -25.84 -21.60
N PHE A 412 23.85 -24.57 -21.66
CA PHE A 412 22.56 -24.07 -21.12
C PHE A 412 21.42 -24.71 -21.89
N LEU A 413 21.45 -24.68 -23.23
CA LEU A 413 20.38 -25.30 -24.05
C LEU A 413 20.34 -26.81 -23.77
N ASP A 414 21.47 -27.52 -23.81
CA ASP A 414 21.49 -28.98 -23.49
C ASP A 414 20.84 -29.23 -22.11
N ASN A 415 21.14 -28.39 -21.13
CA ASN A 415 20.59 -28.55 -19.77
C ASN A 415 19.08 -28.23 -19.75
N ARG A 416 18.55 -27.54 -20.77
CA ARG A 416 17.10 -27.23 -20.90
C ARG A 416 16.42 -28.31 -21.74
N LYS A 417 17.18 -29.34 -22.16
CA LYS A 417 16.73 -30.46 -23.03
C LYS A 417 16.59 -29.98 -24.48
N LEU A 418 17.00 -28.76 -24.78
CA LEU A 418 16.87 -28.22 -26.15
C LEU A 418 18.10 -28.69 -26.97
N PHE A 419 18.24 -30.01 -27.12
CA PHE A 419 19.42 -30.67 -27.74
C PHE A 419 19.35 -30.43 -29.25
N HIS A 420 18.14 -30.13 -29.79
CA HIS A 420 17.93 -29.84 -31.23
C HIS A 420 17.83 -28.32 -31.46
N ARG A 421 18.42 -27.54 -30.57
CA ARG A 421 18.34 -26.07 -30.65
C ARG A 421 19.75 -25.58 -30.99
N GLU A 422 19.87 -24.77 -32.06
CA GLU A 422 21.12 -24.07 -32.47
C GLU A 422 21.49 -23.15 -31.32
N VAL A 423 22.80 -23.03 -31.05
CA VAL A 423 23.36 -22.06 -30.07
C VAL A 423 22.73 -20.71 -30.37
N ASN A 424 22.33 -19.96 -29.34
CA ASN A 424 21.70 -18.62 -29.43
C ASN A 424 20.37 -18.66 -30.18
N ASP A 425 19.78 -19.82 -30.39
CA ASP A 425 18.36 -19.93 -30.77
C ASP A 425 17.55 -20.03 -29.48
N LEU A 426 17.04 -18.90 -29.01
CA LEU A 426 16.42 -18.85 -27.67
C LEU A 426 14.98 -19.38 -27.75
N GLY A 427 14.44 -19.69 -28.93
CA GLY A 427 13.11 -20.32 -29.05
C GLY A 427 11.98 -19.32 -28.86
N PRO A 428 10.73 -19.78 -28.62
CA PRO A 428 9.54 -18.94 -28.80
C PRO A 428 9.35 -18.10 -27.53
N ILE A 429 10.30 -17.20 -27.30
CA ILE A 429 10.34 -16.21 -26.18
C ILE A 429 9.66 -14.93 -26.65
N TYR A 430 9.89 -13.82 -25.96
CA TYR A 430 9.03 -12.61 -25.94
C TYR A 430 8.65 -12.21 -27.36
N GLY A 431 9.66 -11.90 -28.17
CA GLY A 431 9.45 -11.47 -29.55
C GLY A 431 8.40 -12.33 -30.23
N PHE A 432 8.63 -13.66 -30.24
CA PHE A 432 7.81 -14.66 -30.96
C PHE A 432 6.36 -14.59 -30.45
N GLN A 433 6.21 -14.50 -29.13
CA GLN A 433 4.89 -14.50 -28.48
C GLN A 433 4.14 -13.18 -28.70
N TRP A 434 4.84 -12.04 -28.78
CA TRP A 434 4.18 -10.72 -29.05
C TRP A 434 3.64 -10.70 -30.51
N ARG A 435 4.23 -11.45 -31.43
CA ARG A 435 3.89 -11.28 -32.88
C ARG A 435 3.22 -12.53 -33.51
N HIS A 436 3.29 -13.71 -32.86
CA HIS A 436 3.03 -15.04 -33.46
C HIS A 436 2.55 -16.00 -32.37
N PHE A 437 1.86 -15.52 -31.36
CA PHE A 437 1.36 -16.38 -30.25
C PHE A 437 0.48 -17.49 -30.84
N GLY A 438 0.94 -18.75 -30.76
CA GLY A 438 0.16 -19.95 -31.12
C GLY A 438 0.69 -20.67 -32.35
N ALA A 439 1.39 -19.99 -33.22
CA ALA A 439 2.23 -20.56 -34.27
C ALA A 439 3.16 -21.61 -33.66
N GLU A 440 3.46 -22.68 -34.40
CA GLU A 440 4.49 -23.68 -34.06
C GLU A 440 5.89 -23.08 -34.29
N TYR A 441 6.67 -22.92 -33.25
CA TYR A 441 8.07 -22.48 -33.46
C TYR A 441 8.87 -23.56 -34.20
N THR A 442 9.77 -23.13 -35.08
CA THR A 442 10.67 -23.98 -35.90
C THR A 442 12.10 -23.67 -35.49
N ASN A 443 12.65 -22.61 -36.08
CA ASN A 443 13.99 -22.06 -35.76
C ASN A 443 13.91 -20.53 -35.85
N MET A 444 14.98 -19.88 -35.43
CA MET A 444 15.12 -18.43 -35.29
C MET A 444 15.26 -17.76 -36.65
N TYR A 445 15.27 -18.51 -37.75
CA TYR A 445 15.51 -17.93 -39.08
C TYR A 445 14.20 -17.89 -39.86
N ASP A 446 13.13 -18.44 -39.31
CA ASP A 446 11.87 -18.63 -40.07
C ASP A 446 11.13 -17.29 -40.17
N ASN A 447 10.64 -16.98 -41.36
CA ASN A 447 9.57 -15.98 -41.60
C ASN A 447 8.26 -16.62 -41.10
N TYR A 448 7.67 -16.06 -40.05
CA TYR A 448 6.39 -16.53 -39.50
C TYR A 448 5.23 -15.62 -39.97
N GLU A 449 5.29 -15.08 -41.19
CA GLU A 449 4.29 -14.09 -41.71
C GLU A 449 2.84 -14.59 -41.51
N ASN A 450 2.03 -13.87 -40.75
CA ASN A 450 0.58 -14.20 -40.53
C ASN A 450 0.44 -15.64 -39.99
N LYS A 451 1.32 -16.05 -39.07
CA LYS A 451 1.17 -17.27 -38.25
C LYS A 451 1.09 -16.84 -36.79
N GLY A 452 0.20 -17.50 -36.05
CA GLY A 452 -0.18 -17.07 -34.69
C GLY A 452 -0.83 -15.71 -34.68
N VAL A 453 -0.88 -15.12 -33.50
CA VAL A 453 -1.66 -13.89 -33.27
C VAL A 453 -0.64 -12.81 -32.99
N ASP A 454 -0.74 -11.70 -33.71
CA ASP A 454 0.08 -10.49 -33.52
C ASP A 454 -0.58 -9.65 -32.40
N GLN A 455 -0.28 -10.02 -31.16
CA GLN A 455 -0.74 -9.31 -29.94
C GLN A 455 -0.31 -7.84 -30.07
N LEU A 456 0.92 -7.58 -30.47
CA LEU A 456 1.42 -6.19 -30.41
C LEU A 456 0.47 -5.28 -31.21
N LYS A 457 0.04 -5.73 -32.41
CA LYS A 457 -0.81 -4.95 -33.37
C LYS A 457 -2.17 -4.81 -32.71
N ASN A 458 -2.59 -5.88 -32.04
CA ASN A 458 -3.94 -6.07 -31.48
C ASN A 458 -4.15 -5.06 -30.35
N ILE A 459 -3.16 -4.87 -29.48
CA ILE A 459 -3.28 -3.98 -28.29
C ILE A 459 -3.14 -2.55 -28.78
N ILE A 460 -2.32 -2.32 -29.79
CA ILE A 460 -2.25 -0.99 -30.45
C ILE A 460 -3.63 -0.65 -31.04
N ASN A 461 -4.36 -1.60 -31.66
CA ASN A 461 -5.65 -1.31 -32.35
C ASN A 461 -6.74 -1.04 -31.32
N LEU A 462 -6.72 -1.82 -30.24
CA LEU A 462 -7.68 -1.68 -29.11
C LEU A 462 -7.48 -0.31 -28.43
N ILE A 463 -6.26 0.06 -28.08
CA ILE A 463 -6.02 1.37 -27.43
C ILE A 463 -6.55 2.47 -28.35
N LYS A 464 -6.37 2.32 -29.66
CA LYS A 464 -6.76 3.37 -30.64
C LYS A 464 -8.30 3.45 -30.81
N ASN A 465 -9.02 2.33 -30.78
CA ASN A 465 -10.42 2.22 -31.27
C ASN A 465 -11.38 1.81 -30.15
N ASP A 466 -10.86 1.18 -29.07
CA ASP A 466 -11.68 0.69 -27.93
C ASP A 466 -10.97 1.00 -26.60
N PRO A 467 -10.48 2.25 -26.38
CA PRO A 467 -9.72 2.62 -25.18
C PRO A 467 -10.29 2.17 -23.84
N THR A 468 -11.60 1.92 -23.74
CA THR A 468 -12.29 1.48 -22.49
C THR A 468 -12.31 -0.04 -22.35
N SER A 469 -11.93 -0.80 -23.36
CA SER A 469 -11.75 -2.27 -23.23
C SER A 469 -11.07 -2.60 -21.91
N ARG A 470 -11.50 -3.65 -21.23
CA ARG A 470 -10.74 -4.17 -20.09
C ARG A 470 -9.98 -5.40 -20.55
N ARG A 471 -9.73 -5.52 -21.85
CA ARG A 471 -9.07 -6.70 -22.46
C ARG A 471 -7.82 -6.28 -23.24
N ILE A 472 -7.17 -5.20 -22.86
CA ILE A 472 -5.91 -4.76 -23.53
C ILE A 472 -4.75 -5.39 -22.76
N LEU A 473 -4.46 -6.64 -23.14
CA LEU A 473 -3.38 -7.44 -22.54
C LEU A 473 -2.40 -7.93 -23.61
N LEU A 474 -1.11 -7.80 -23.30
CA LEU A 474 0.01 -8.47 -23.99
C LEU A 474 0.46 -9.59 -23.04
N CYS A 475 0.59 -10.86 -23.46
CA CYS A 475 0.99 -12.00 -22.57
C CYS A 475 2.12 -12.80 -23.21
N ALA A 476 3.24 -12.90 -22.54
CA ALA A 476 4.41 -13.68 -23.00
C ALA A 476 4.34 -15.13 -22.52
N TRP A 477 3.49 -15.45 -21.54
CA TRP A 477 3.37 -16.78 -20.90
C TRP A 477 2.45 -17.67 -21.71
N ASN A 478 2.98 -18.13 -22.83
CA ASN A 478 2.41 -19.22 -23.64
C ASN A 478 2.77 -20.53 -22.94
N VAL A 479 1.80 -21.16 -22.31
CA VAL A 479 2.04 -22.39 -21.49
C VAL A 479 2.56 -23.50 -22.44
N LYS A 480 1.91 -23.59 -23.60
CA LYS A 480 2.24 -24.55 -24.66
C LYS A 480 3.75 -24.57 -24.87
N ASP A 481 4.39 -23.41 -24.88
CA ASP A 481 5.76 -23.24 -25.45
C ASP A 481 6.80 -23.12 -24.36
N LEU A 482 6.43 -23.04 -23.09
CA LEU A 482 7.38 -22.78 -21.98
C LEU A 482 8.67 -23.62 -22.15
N ASP A 483 8.56 -24.96 -22.31
CA ASP A 483 9.73 -25.90 -22.24
C ASP A 483 10.63 -25.75 -23.46
N GLN A 484 10.10 -25.14 -24.52
CA GLN A 484 10.76 -24.88 -25.83
C GLN A 484 11.53 -23.56 -25.75
N MET A 485 11.27 -22.73 -24.72
CA MET A 485 11.98 -21.42 -24.49
C MET A 485 13.34 -21.65 -23.80
N ALA A 486 14.34 -20.82 -24.06
CA ALA A 486 15.59 -20.80 -23.27
C ALA A 486 15.19 -20.73 -21.80
N LEU A 487 14.50 -19.68 -21.36
CA LEU A 487 13.80 -19.79 -20.05
C LEU A 487 12.44 -19.13 -20.13
N PRO A 488 11.47 -19.56 -19.31
CA PRO A 488 10.13 -19.00 -19.36
C PRO A 488 10.16 -17.54 -18.97
N PRO A 489 9.23 -16.72 -19.46
CA PRO A 489 9.29 -15.29 -19.19
C PRO A 489 9.22 -14.99 -17.69
N CYS A 490 10.00 -14.02 -17.23
CA CYS A 490 9.78 -13.32 -15.94
C CYS A 490 8.61 -12.32 -16.05
N HIS A 491 8.53 -11.58 -17.15
CA HIS A 491 7.50 -10.52 -17.33
C HIS A 491 6.33 -11.17 -18.07
N ILE A 492 5.37 -11.65 -17.29
CA ILE A 492 4.21 -12.51 -17.66
C ILE A 492 3.27 -11.74 -18.59
N LEU A 493 2.96 -10.48 -18.28
CA LEU A 493 1.89 -9.77 -19.00
C LEU A 493 1.89 -8.30 -18.66
N CYS A 494 1.47 -7.51 -19.65
CA CYS A 494 1.19 -6.07 -19.69
C CYS A 494 -0.32 -5.90 -19.84
N GLN A 495 -0.95 -5.04 -19.02
CA GLN A 495 -2.34 -4.57 -19.24
C GLN A 495 -2.30 -3.06 -19.42
N PHE A 496 -3.07 -2.54 -20.38
CA PHE A 496 -3.16 -1.09 -20.63
C PHE A 496 -4.56 -0.62 -20.23
N TYR A 497 -4.65 0.68 -19.95
CA TYR A 497 -5.80 1.47 -19.39
C TYR A 497 -5.69 2.89 -19.94
N VAL A 498 -6.77 3.37 -20.57
CA VAL A 498 -6.81 4.73 -21.18
C VAL A 498 -7.87 5.54 -20.44
N PHE A 499 -7.49 6.67 -19.85
CA PHE A 499 -8.43 7.72 -19.42
C PHE A 499 -7.95 9.04 -20.01
N ASP A 500 -8.83 9.83 -20.62
CA ASP A 500 -8.63 11.30 -20.75
C ASP A 500 -7.40 11.61 -21.63
N GLY A 501 -7.07 10.75 -22.58
CA GLY A 501 -5.94 10.94 -23.50
C GLY A 501 -4.61 10.52 -22.89
N LYS A 502 -4.64 9.69 -21.84
CA LYS A 502 -3.43 9.26 -21.09
C LYS A 502 -3.44 7.73 -20.92
N LEU A 503 -2.25 7.13 -20.88
CA LEU A 503 -2.06 5.65 -20.99
C LEU A 503 -1.27 5.18 -19.77
N SER A 504 -1.87 4.28 -19.00
CA SER A 504 -1.20 3.56 -17.91
C SER A 504 -1.03 2.11 -18.30
N CYS A 505 0.04 1.49 -17.77
CA CYS A 505 0.50 0.10 -17.99
C CYS A 505 0.75 -0.56 -16.63
N ILE A 506 0.19 -1.75 -16.43
CA ILE A 506 0.54 -2.69 -15.33
C ILE A 506 1.35 -3.79 -15.96
N MET A 507 2.50 -4.13 -15.39
CA MET A 507 3.28 -5.33 -15.79
C MET A 507 3.39 -6.24 -14.56
N TYR A 508 3.03 -7.49 -14.70
CA TYR A 508 3.13 -8.49 -13.62
C TYR A 508 4.42 -9.28 -13.83
N GLN A 509 5.36 -9.20 -12.91
CA GLN A 509 6.65 -9.94 -12.95
C GLN A 509 6.51 -11.11 -11.97
N ARG A 510 6.69 -12.34 -12.45
CA ARG A 510 6.45 -13.58 -11.67
C ARG A 510 7.64 -13.79 -10.73
N SER A 511 8.84 -13.49 -11.21
CA SER A 511 10.08 -13.64 -10.42
C SER A 511 10.94 -12.38 -10.60
N CYS A 512 11.47 -11.80 -9.53
CA CYS A 512 12.02 -10.42 -9.57
C CYS A 512 13.37 -10.39 -8.84
N ASP A 513 14.49 -10.15 -9.55
CA ASP A 513 15.78 -9.98 -8.85
C ASP A 513 15.89 -8.51 -8.47
N LEU A 514 15.56 -8.20 -7.22
CA LEU A 514 15.50 -6.81 -6.71
C LEU A 514 16.87 -6.15 -6.93
N GLY A 515 17.94 -6.96 -6.78
CA GLY A 515 19.35 -6.55 -6.97
C GLY A 515 19.71 -6.18 -8.41
N LEU A 516 19.66 -7.13 -9.37
CA LEU A 516 20.21 -6.92 -10.74
C LEU A 516 19.11 -6.61 -11.76
N GLY A 517 17.94 -7.22 -11.61
CA GLY A 517 16.95 -7.28 -12.70
C GLY A 517 15.94 -6.15 -12.66
N VAL A 518 15.32 -5.91 -11.51
CA VAL A 518 14.17 -4.97 -11.39
C VAL A 518 14.58 -3.57 -11.83
N PRO A 519 15.75 -3.01 -11.39
CA PRO A 519 16.27 -1.76 -11.93
C PRO A 519 15.98 -1.61 -13.43
N PHE A 520 16.22 -2.65 -14.21
CA PHE A 520 16.21 -2.61 -15.70
C PHE A 520 14.80 -2.86 -16.20
N ASN A 521 14.07 -3.78 -15.57
CA ASN A 521 12.66 -4.10 -15.90
C ASN A 521 11.83 -2.81 -15.83
N ILE A 522 12.06 -1.99 -14.80
CA ILE A 522 11.42 -0.67 -14.56
C ILE A 522 11.70 0.21 -15.78
N ALA A 523 12.97 0.32 -16.15
CA ALA A 523 13.32 1.10 -17.36
C ALA A 523 12.58 0.51 -18.57
N SER A 524 12.68 -0.82 -18.78
CA SER A 524 12.22 -1.51 -20.03
C SER A 524 10.74 -1.20 -20.32
N TYR A 525 9.85 -1.39 -19.34
CA TYR A 525 8.37 -1.24 -19.52
C TYR A 525 7.98 0.24 -19.43
N SER A 526 8.77 1.07 -18.78
CA SER A 526 8.56 2.53 -18.77
C SER A 526 8.77 3.01 -20.19
N ILE A 527 9.88 2.61 -20.84
CA ILE A 527 10.18 3.00 -22.25
C ILE A 527 9.03 2.45 -23.10
N PHE A 528 8.63 1.21 -22.86
CA PHE A 528 7.62 0.58 -23.75
C PHE A 528 6.32 1.35 -23.61
N THR A 529 5.93 1.73 -22.40
CA THR A 529 4.67 2.51 -22.16
C THR A 529 4.71 3.81 -23.00
N HIS A 530 5.87 4.47 -23.07
CA HIS A 530 6.05 5.72 -23.89
C HIS A 530 5.85 5.40 -25.38
N MET A 531 6.47 4.32 -25.86
CA MET A 531 6.40 3.90 -27.28
C MET A 531 4.94 3.65 -27.66
N ILE A 532 4.20 2.85 -26.88
CA ILE A 532 2.77 2.52 -27.12
C ILE A 532 1.93 3.82 -26.99
N ALA A 533 2.12 4.57 -25.90
CA ALA A 533 1.43 5.85 -25.64
C ALA A 533 1.53 6.69 -26.92
N GLN A 534 2.76 6.93 -27.37
CA GLN A 534 3.05 7.84 -28.50
C GLN A 534 2.37 7.39 -29.79
N VAL A 535 2.45 6.10 -30.16
CA VAL A 535 1.98 5.62 -31.49
C VAL A 535 0.45 5.43 -31.50
N CYS A 536 -0.18 5.54 -30.32
CA CYS A 536 -1.65 5.52 -30.17
C CYS A 536 -2.18 6.95 -29.99
N ASN A 537 -1.24 7.91 -30.00
CA ASN A 537 -1.49 9.38 -29.92
C ASN A 537 -2.09 9.72 -28.54
N LEU A 538 -1.39 9.32 -27.47
CA LEU A 538 -1.75 9.55 -26.04
C LEU A 538 -0.50 10.01 -25.25
N GLN A 539 -0.68 10.57 -24.05
CA GLN A 539 0.45 10.92 -23.14
C GLN A 539 0.62 9.78 -22.13
N PRO A 540 1.88 9.41 -21.79
CA PRO A 540 2.16 8.54 -20.64
C PRO A 540 1.49 9.01 -19.34
N ALA A 541 1.06 8.06 -18.51
CA ALA A 541 0.65 8.35 -17.13
C ALA A 541 1.41 7.37 -16.22
N GLN A 542 0.79 6.33 -15.68
CA GLN A 542 1.54 5.49 -14.72
C GLN A 542 2.01 4.19 -15.35
N PHE A 543 3.27 3.83 -15.06
CA PHE A 543 3.75 2.44 -15.15
C PHE A 543 3.61 1.83 -13.76
N ILE A 544 2.97 0.67 -13.67
CA ILE A 544 2.57 0.00 -12.41
C ILE A 544 3.19 -1.39 -12.46
N HIS A 545 4.14 -1.66 -11.57
CA HIS A 545 4.99 -2.88 -11.49
C HIS A 545 4.52 -3.75 -10.32
N VAL A 546 3.93 -4.90 -10.62
CA VAL A 546 3.53 -5.90 -9.60
C VAL A 546 4.65 -6.92 -9.51
N LEU A 547 5.27 -7.07 -8.33
CA LEU A 547 6.27 -8.13 -8.06
C LEU A 547 5.53 -9.30 -7.45
N GLY A 548 5.70 -10.47 -8.05
CA GLY A 548 5.26 -11.74 -7.45
C GLY A 548 6.28 -12.21 -6.45
N ASN A 549 7.03 -13.25 -6.81
CA ASN A 549 8.12 -13.79 -5.95
C ASN A 549 9.27 -12.79 -6.06
N ALA A 550 9.46 -11.96 -5.04
CA ALA A 550 10.41 -10.84 -5.01
C ALA A 550 11.57 -11.19 -4.07
N HIS A 551 12.81 -11.19 -4.57
CA HIS A 551 13.96 -11.79 -3.85
C HIS A 551 15.23 -10.94 -3.97
N VAL A 552 15.95 -10.82 -2.85
CA VAL A 552 17.38 -10.42 -2.82
C VAL A 552 18.26 -11.66 -2.75
N TYR A 553 19.17 -11.86 -3.70
CA TYR A 553 20.19 -12.94 -3.63
C TYR A 553 21.13 -12.59 -2.49
N ASN A 554 21.43 -13.56 -1.61
CA ASN A 554 22.37 -13.46 -0.44
C ASN A 554 23.56 -12.59 -0.83
N ASN A 555 24.28 -12.98 -1.88
CA ASN A 555 25.56 -12.35 -2.23
C ASN A 555 25.34 -11.00 -2.93
N HIS A 556 24.14 -10.42 -2.90
CA HIS A 556 23.86 -9.01 -3.29
C HIS A 556 23.77 -8.08 -2.07
N ILE A 557 23.73 -8.63 -0.86
CA ILE A 557 23.23 -7.93 0.36
C ILE A 557 24.13 -6.73 0.68
N ASP A 558 25.38 -6.98 1.06
CA ASP A 558 26.44 -5.95 1.34
C ASP A 558 26.33 -4.82 0.31
N SER A 559 26.23 -5.16 -0.96
CA SER A 559 26.07 -4.14 -2.03
C SER A 559 24.75 -3.38 -1.87
N LEU A 560 23.67 -4.05 -1.52
CA LEU A 560 22.35 -3.37 -1.42
C LEU A 560 22.34 -2.44 -0.20
N LYS A 561 23.17 -2.75 0.82
CA LYS A 561 23.27 -2.02 2.10
C LYS A 561 23.86 -0.66 1.80
N ILE A 562 24.87 -0.67 0.98
CA ILE A 562 25.60 0.53 0.52
C ILE A 562 24.61 1.41 -0.24
N GLN A 563 23.86 0.80 -1.16
CA GLN A 563 22.82 1.49 -2.00
C GLN A 563 21.79 2.15 -1.08
N LEU A 564 21.19 1.42 -0.13
CA LEU A 564 20.10 1.95 0.74
C LEU A 564 20.52 3.25 1.47
N ASN A 565 21.82 3.42 1.81
CA ASN A 565 22.36 4.61 2.52
C ASN A 565 22.76 5.70 1.52
N ARG A 566 22.29 5.61 0.29
CA ARG A 566 22.44 6.68 -0.70
C ARG A 566 21.07 7.34 -0.86
N ILE A 567 21.09 8.64 -1.01
CA ILE A 567 19.86 9.46 -1.18
C ILE A 567 19.66 9.63 -2.67
N PRO A 568 18.46 9.30 -3.17
CA PRO A 568 18.16 9.45 -4.58
C PRO A 568 18.37 10.89 -5.06
N TYR A 569 18.75 11.06 -6.33
CA TYR A 569 18.75 12.34 -7.06
C TYR A 569 17.50 12.43 -7.92
N PRO A 570 17.15 13.63 -8.41
CA PRO A 570 15.95 13.74 -9.23
C PRO A 570 16.09 12.93 -10.53
N PHE A 571 15.01 12.23 -10.88
CA PHE A 571 14.97 11.30 -12.03
C PHE A 571 15.32 12.07 -13.30
N PRO A 572 15.88 11.38 -14.31
CA PRO A 572 16.02 11.99 -15.63
C PRO A 572 14.67 12.11 -16.35
N THR A 573 14.72 12.61 -17.59
CA THR A 573 13.60 12.57 -18.57
C THR A 573 13.94 11.61 -19.73
N LEU A 574 12.93 11.00 -20.34
CA LEU A 574 13.10 10.21 -21.58
C LEU A 574 12.50 10.98 -22.76
N LYS A 575 13.27 11.24 -23.82
CA LYS A 575 12.72 11.86 -25.06
C LYS A 575 12.73 10.86 -26.21
N LEU A 576 11.55 10.69 -26.82
CA LEU A 576 11.31 9.86 -28.02
C LEU A 576 11.26 10.79 -29.23
N ASN A 577 12.06 10.51 -30.24
CA ASN A 577 11.81 11.07 -31.59
C ASN A 577 10.29 11.07 -31.81
N PRO A 578 9.61 12.23 -31.93
CA PRO A 578 8.16 12.23 -32.15
C PRO A 578 7.68 11.87 -33.55
N ASP A 579 8.60 11.83 -34.53
CA ASP A 579 8.24 11.61 -35.96
C ASP A 579 7.68 10.20 -36.08
N ILE A 580 8.18 9.27 -35.24
CA ILE A 580 7.84 7.82 -35.27
C ILE A 580 6.38 7.65 -34.87
N LYS A 581 5.61 6.95 -35.67
CA LYS A 581 4.14 6.88 -35.53
C LYS A 581 3.68 5.45 -35.69
N ASN A 582 4.59 4.56 -36.12
CA ASN A 582 4.40 3.09 -36.16
C ASN A 582 5.39 2.49 -35.16
N ILE A 583 4.87 1.57 -34.32
CA ILE A 583 5.58 0.78 -33.26
C ILE A 583 6.84 0.13 -33.84
N GLU A 584 6.77 -0.36 -35.07
CA GLU A 584 7.85 -1.18 -35.65
C GLU A 584 8.98 -0.29 -36.18
N ASP A 585 8.80 1.05 -36.18
CA ASP A 585 9.67 2.02 -36.89
C ASP A 585 10.70 2.67 -35.96
N PHE A 586 10.68 2.44 -34.65
CA PHE A 586 11.70 3.02 -33.73
C PHE A 586 13.07 2.33 -33.91
N THR A 587 14.13 3.10 -33.73
CA THR A 587 15.55 2.64 -33.71
C THR A 587 16.26 3.30 -32.53
N ILE A 588 17.38 2.74 -32.12
CA ILE A 588 18.16 3.10 -30.90
C ILE A 588 18.26 4.64 -30.79
N SER A 589 18.58 5.34 -31.86
CA SER A 589 18.79 6.82 -31.80
C SER A 589 17.46 7.59 -31.74
N ASP A 590 16.31 6.93 -31.58
CA ASP A 590 15.02 7.64 -31.33
C ASP A 590 14.78 7.79 -29.80
N PHE A 591 15.73 7.31 -28.98
CA PHE A 591 15.70 7.30 -27.50
C PHE A 591 16.85 8.13 -26.95
N THR A 592 16.51 9.26 -26.30
CA THR A 592 17.43 10.03 -25.43
C THR A 592 16.95 10.05 -23.97
N ILE A 593 17.92 9.79 -23.09
CA ILE A 593 17.85 10.00 -21.62
C ILE A 593 18.61 11.28 -21.33
N GLN A 594 17.86 12.36 -21.07
CA GLN A 594 18.38 13.67 -20.61
C GLN A 594 18.39 13.72 -19.08
N ASN A 595 19.49 14.24 -18.54
CA ASN A 595 19.66 14.73 -17.15
C ASN A 595 19.79 13.56 -16.17
N TYR A 596 20.32 12.43 -16.61
CA TYR A 596 20.61 11.31 -15.68
C TYR A 596 21.71 11.77 -14.72
N VAL A 597 21.32 11.99 -13.48
CA VAL A 597 22.21 12.29 -12.34
C VAL A 597 22.16 11.06 -11.43
N HIS A 598 23.31 10.52 -11.09
CA HIS A 598 23.42 9.20 -10.42
C HIS A 598 24.71 9.04 -9.60
N HIS A 599 24.59 8.20 -8.58
CA HIS A 599 25.67 7.69 -7.71
C HIS A 599 26.59 6.78 -8.50
N GLU A 600 27.80 6.57 -7.99
CA GLU A 600 28.85 5.70 -8.56
C GLU A 600 28.26 4.31 -8.87
N LYS A 601 28.76 3.65 -9.91
CA LYS A 601 28.41 2.24 -10.28
C LYS A 601 28.68 1.31 -9.08
N ILE A 602 27.88 0.24 -8.96
CA ILE A 602 28.07 -0.86 -7.96
C ILE A 602 27.94 -2.20 -8.68
N SER A 603 28.91 -3.09 -8.47
CA SER A 603 28.81 -4.56 -8.70
C SER A 603 28.12 -5.22 -7.49
N MET A 604 27.05 -5.97 -7.74
CA MET A 604 26.12 -6.43 -6.67
C MET A 604 26.68 -7.65 -5.91
N ASP A 605 27.65 -8.44 -6.46
CA ASP A 605 28.63 -9.26 -5.66
C ASP A 605 30.02 -8.68 -5.89
N MET A 606 30.88 -8.74 -4.88
CA MET A 606 32.15 -7.96 -4.83
C MET A 606 33.32 -8.95 -4.75
N GLN B 4 -18.68 14.89 32.82
CA GLN B 4 -19.46 13.89 33.62
C GLN B 4 -18.50 12.96 34.37
N VAL B 5 -19.06 12.04 35.19
CA VAL B 5 -18.34 11.19 36.19
C VAL B 5 -17.29 10.33 35.46
N CYS B 6 -17.73 9.59 34.43
CA CYS B 6 -16.98 8.50 33.74
C CYS B 6 -15.82 9.08 32.89
N ASP B 7 -15.97 10.30 32.40
CA ASP B 7 -14.92 11.06 31.66
C ASP B 7 -13.77 11.45 32.59
N VAL B 8 -14.07 11.88 33.82
CA VAL B 8 -13.07 12.46 34.77
C VAL B 8 -12.24 11.32 35.41
N PHE B 9 -12.91 10.34 36.02
CA PHE B 9 -12.27 9.23 36.76
C PHE B 9 -11.87 8.09 35.81
N ASP B 10 -12.04 8.29 34.49
CA ASP B 10 -11.65 7.36 33.39
C ASP B 10 -12.11 5.94 33.75
N ILE B 11 -13.43 5.78 33.90
CA ILE B 11 -14.11 4.47 34.12
C ILE B 11 -14.44 3.89 32.74
N TYR B 12 -13.65 2.91 32.31
CA TYR B 12 -13.93 2.08 31.12
C TYR B 12 -14.52 0.75 31.59
N ALA B 13 -15.12 0.01 30.67
CA ALA B 13 -15.60 -1.39 30.82
C ALA B 13 -14.92 -2.25 29.76
N ILE B 14 -14.58 -3.47 30.13
CA ILE B 14 -13.88 -4.41 29.21
C ILE B 14 -14.57 -5.76 29.39
N CYS B 15 -14.93 -6.44 28.29
CA CYS B 15 -15.60 -7.77 28.31
C CYS B 15 -15.19 -8.62 27.10
N ALA B 16 -15.83 -9.79 26.97
CA ALA B 16 -15.73 -10.75 25.85
C ALA B 16 -17.07 -11.48 25.74
N CYS B 17 -17.73 -11.50 24.59
CA CYS B 17 -19.05 -12.19 24.49
C CYS B 17 -19.10 -13.07 23.25
N CYS B 18 -19.27 -14.37 23.46
CA CYS B 18 -19.55 -15.39 22.41
C CYS B 18 -21.02 -15.28 21.97
N LYS B 19 -21.47 -16.20 21.11
CA LYS B 19 -22.88 -16.35 20.63
C LYS B 19 -23.58 -17.39 21.50
N VAL B 20 -24.92 -17.41 21.49
CA VAL B 20 -25.76 -18.23 22.41
C VAL B 20 -26.81 -19.04 21.63
N GLU B 21 -27.18 -20.23 22.13
CA GLU B 21 -28.35 -21.00 21.62
C GLU B 21 -29.66 -20.39 22.11
N ASN B 29 -34.78 -17.30 8.60
CA ASN B 29 -33.29 -17.17 8.55
C ASN B 29 -32.80 -16.73 9.92
N GLU B 30 -31.46 -16.68 10.08
CA GLU B 30 -30.77 -15.93 11.16
C GLU B 30 -30.76 -14.45 10.74
N VAL B 31 -31.10 -13.55 11.68
CA VAL B 31 -30.82 -12.07 11.66
C VAL B 31 -29.74 -11.79 12.70
N PHE B 32 -28.65 -11.13 12.33
CA PHE B 32 -27.56 -10.78 13.26
C PHE B 32 -27.57 -9.26 13.46
N ASN B 33 -27.00 -8.82 14.58
CA ASN B 33 -26.85 -7.41 15.05
C ASN B 33 -25.71 -7.37 16.08
N ASN B 34 -25.43 -6.20 16.66
CA ASN B 34 -24.37 -6.06 17.69
C ASN B 34 -24.68 -6.98 18.87
N TYR B 35 -25.97 -7.31 19.11
CA TYR B 35 -26.46 -8.04 20.31
C TYR B 35 -26.26 -9.57 20.16
N THR B 36 -26.08 -10.09 18.93
CA THR B 36 -25.63 -11.47 18.66
C THR B 36 -24.45 -11.88 19.57
N PHE B 37 -23.51 -10.96 19.85
CA PHE B 37 -22.35 -11.23 20.73
C PHE B 37 -22.66 -10.83 22.18
N ARG B 38 -23.12 -11.77 23.01
CA ARG B 38 -23.62 -11.43 24.37
C ARG B 38 -23.48 -12.59 25.39
N GLY B 39 -22.68 -13.63 25.16
CA GLY B 39 -22.47 -14.69 26.15
C GLY B 39 -21.24 -14.43 27.00
N LEU B 40 -21.40 -14.24 28.34
CA LEU B 40 -20.32 -13.90 29.32
C LEU B 40 -19.85 -15.13 30.14
N GLY B 41 -20.80 -15.87 30.74
CA GLY B 41 -20.51 -16.86 31.78
C GLY B 41 -21.45 -18.04 31.74
N ASN B 42 -20.97 -19.21 32.21
CA ASN B 42 -21.72 -20.49 32.36
C ASN B 42 -21.19 -21.23 33.60
N LYS B 43 -22.09 -21.59 34.51
CA LYS B 43 -21.79 -22.38 35.74
C LYS B 43 -20.49 -21.83 36.35
N GLY B 44 -20.42 -20.49 36.46
CA GLY B 44 -19.40 -19.72 37.22
C GLY B 44 -18.26 -19.27 36.32
N VAL B 45 -17.86 -20.12 35.36
CA VAL B 45 -16.67 -19.91 34.50
C VAL B 45 -17.12 -19.30 33.17
N LEU B 46 -16.17 -19.02 32.29
CA LEU B 46 -16.39 -18.49 30.93
C LEU B 46 -17.02 -19.59 30.08
N PRO B 47 -17.95 -19.25 29.15
CA PRO B 47 -18.65 -20.27 28.36
C PRO B 47 -17.70 -21.08 27.47
N TRP B 48 -16.71 -20.38 26.88
CA TRP B 48 -15.56 -20.96 26.14
C TRP B 48 -14.58 -21.45 27.20
N LYS B 49 -13.53 -22.16 26.81
CA LYS B 49 -12.64 -22.85 27.79
C LYS B 49 -11.81 -21.75 28.49
N CYS B 50 -10.62 -21.44 27.95
CA CYS B 50 -9.96 -20.12 28.08
C CYS B 50 -9.90 -19.51 26.68
N ASN B 51 -9.07 -18.49 26.46
CA ASN B 51 -8.74 -17.99 25.10
C ASN B 51 -7.42 -17.21 25.16
N SER B 52 -6.28 -17.89 24.92
CA SER B 52 -4.88 -17.36 25.00
C SER B 52 -4.83 -15.90 24.57
N LEU B 53 -5.40 -15.56 23.42
CA LEU B 53 -5.32 -14.20 22.83
C LEU B 53 -6.14 -13.21 23.65
N ASP B 54 -7.35 -13.59 24.07
CA ASP B 54 -8.20 -12.68 24.88
C ASP B 54 -7.49 -12.39 26.22
N MET B 55 -7.10 -13.42 27.00
CA MET B 55 -6.44 -13.22 28.33
C MET B 55 -5.14 -12.43 28.10
N LYS B 56 -4.60 -12.41 26.88
CA LYS B 56 -3.45 -11.56 26.50
C LYS B 56 -3.93 -10.11 26.35
N TYR B 57 -4.99 -9.89 25.55
CA TYR B 57 -5.55 -8.54 25.28
C TYR B 57 -6.01 -7.90 26.59
N PHE B 58 -6.82 -8.64 27.37
CA PHE B 58 -7.31 -8.29 28.73
C PHE B 58 -6.17 -7.88 29.68
N CYS B 59 -5.15 -8.73 29.83
CA CYS B 59 -3.92 -8.52 30.65
C CYS B 59 -3.18 -7.28 30.14
N ALA B 60 -3.09 -7.04 28.82
CA ALA B 60 -2.28 -5.91 28.28
C ALA B 60 -3.05 -4.57 28.32
N VAL B 61 -4.39 -4.59 28.24
CA VAL B 61 -5.28 -3.39 28.33
C VAL B 61 -5.28 -2.90 29.78
N THR B 62 -5.58 -3.83 30.70
CA THR B 62 -5.86 -3.53 32.13
C THR B 62 -4.55 -3.25 32.88
N THR B 63 -3.38 -3.62 32.37
CA THR B 63 -2.09 -3.30 33.04
C THR B 63 -1.43 -2.07 32.41
N TYR B 64 -1.54 -1.84 31.10
CA TYR B 64 -0.81 -0.76 30.40
C TYR B 64 -1.13 0.56 31.09
N VAL B 65 -0.08 1.34 31.40
CA VAL B 65 -0.16 2.73 31.95
C VAL B 65 0.91 3.60 31.26
N ASN B 66 0.53 4.83 30.91
CA ASN B 66 1.48 5.88 30.44
C ASN B 66 1.64 6.95 31.55
N GLU B 67 2.71 6.84 32.36
CA GLU B 67 3.00 7.73 33.51
C GLU B 67 3.12 9.18 33.01
N SER B 68 4.03 9.41 32.07
CA SER B 68 4.31 10.72 31.42
C SER B 68 3.04 11.28 30.72
N LYS B 69 1.86 11.10 31.32
CA LYS B 69 0.53 11.56 30.80
C LYS B 69 -0.53 11.54 31.93
N TYR B 70 -0.15 11.15 33.14
CA TYR B 70 -1.00 11.19 34.35
C TYR B 70 -1.29 12.66 34.71
N GLU B 71 -0.26 13.48 34.90
CA GLU B 71 -0.42 14.85 35.46
C GLU B 71 -1.79 15.38 35.02
N LYS B 72 -2.06 15.36 33.71
CA LYS B 72 -3.31 15.88 33.06
C LYS B 72 -4.56 15.33 33.77
N LEU B 73 -4.50 14.10 34.33
CA LEU B 73 -5.65 13.36 34.94
C LEU B 73 -5.78 13.64 36.45
N LYS B 74 -4.66 13.75 37.19
CA LYS B 74 -4.67 14.07 38.65
C LYS B 74 -5.15 15.52 38.83
N TYR B 75 -4.53 16.46 38.09
CA TYR B 75 -4.88 17.90 37.99
C TYR B 75 -6.39 18.10 37.74
N LYS B 76 -6.91 17.41 36.72
CA LYS B 76 -8.32 17.52 36.25
C LYS B 76 -9.26 16.79 37.22
N ARG B 77 -8.85 15.64 37.79
CA ARG B 77 -9.70 14.83 38.72
C ARG B 77 -9.85 15.57 40.04
N CYS B 78 -8.84 16.39 40.38
CA CYS B 78 -8.81 17.26 41.57
C CYS B 78 -9.85 18.38 41.38
N LYS B 79 -9.64 19.29 40.39
CA LYS B 79 -10.57 20.42 40.08
C LYS B 79 -12.04 20.01 40.27
N TYR B 80 -12.43 18.90 39.67
CA TYR B 80 -13.78 18.30 39.78
C TYR B 80 -14.17 18.17 41.27
N LEU B 81 -13.42 17.37 42.05
CA LEU B 81 -13.65 17.20 43.51
C LEU B 81 -13.42 18.56 44.22
N ASN B 82 -12.18 19.08 44.20
CA ASN B 82 -11.73 20.42 44.70
C ASN B 82 -10.64 20.21 45.78
N LYS B 83 -9.37 20.02 45.36
CA LYS B 83 -8.21 19.72 46.26
C LYS B 83 -7.31 20.96 46.40
N LYS B 97 5.60 2.72 41.31
CA LYS B 97 5.04 2.20 40.02
C LYS B 97 3.54 2.53 39.99
N LEU B 98 3.13 3.44 39.09
CA LEU B 98 1.71 3.86 38.88
C LEU B 98 0.94 2.69 38.25
N GLN B 99 -0.36 2.60 38.52
CA GLN B 99 -1.17 1.40 38.16
C GLN B 99 -2.57 1.80 37.71
N ASN B 100 -3.40 0.81 37.39
CA ASN B 100 -4.84 0.93 37.02
C ASN B 100 -5.69 0.22 38.07
N VAL B 101 -7.01 0.43 37.98
CA VAL B 101 -8.08 -0.15 38.85
C VAL B 101 -8.80 -1.26 38.06
N VAL B 102 -9.17 -2.34 38.75
CA VAL B 102 -10.00 -3.44 38.18
C VAL B 102 -11.19 -3.69 39.14
N VAL B 103 -12.40 -3.30 38.73
CA VAL B 103 -13.66 -3.44 39.53
C VAL B 103 -14.38 -4.71 39.08
N MET B 104 -14.42 -5.74 39.92
CA MET B 104 -15.15 -7.02 39.67
C MET B 104 -16.25 -7.18 40.73
N GLY B 105 -17.18 -8.13 40.51
CA GLY B 105 -18.13 -8.65 41.53
C GLY B 105 -17.54 -9.82 42.28
N ARG B 106 -18.10 -10.15 43.45
CA ARG B 106 -17.66 -11.31 44.29
C ARG B 106 -17.64 -12.54 43.36
N THR B 107 -18.81 -12.89 42.81
CA THR B 107 -19.02 -14.04 41.88
C THR B 107 -17.91 -14.02 40.84
N SER B 108 -17.64 -12.84 40.27
CA SER B 108 -16.52 -12.61 39.33
C SER B 108 -15.20 -12.90 40.06
N TRP B 109 -14.92 -12.19 41.16
CA TRP B 109 -13.67 -12.36 41.96
C TRP B 109 -13.46 -13.84 42.33
N GLU B 110 -14.52 -14.57 42.69
CA GLU B 110 -14.42 -15.98 43.18
C GLU B 110 -13.91 -16.91 42.05
N SER B 111 -14.55 -16.88 40.88
CA SER B 111 -14.27 -17.76 39.71
C SER B 111 -12.78 -17.69 39.30
N ILE B 112 -12.12 -16.54 39.48
CA ILE B 112 -10.65 -16.42 39.25
C ILE B 112 -9.98 -17.48 40.11
N PRO B 113 -9.17 -18.41 39.55
CA PRO B 113 -8.30 -19.26 40.38
C PRO B 113 -7.34 -18.45 41.29
N LYS B 114 -6.85 -19.08 42.37
CA LYS B 114 -6.19 -18.40 43.53
C LYS B 114 -4.77 -17.97 43.13
N LYS B 115 -4.02 -18.89 42.51
CA LYS B 115 -2.76 -18.65 41.75
C LYS B 115 -2.76 -17.28 41.05
N PHE B 116 -3.94 -16.75 40.71
CA PHE B 116 -4.16 -15.58 39.82
C PHE B 116 -4.55 -14.32 40.62
N LYS B 117 -4.73 -14.41 41.94
CA LYS B 117 -5.32 -13.33 42.79
C LYS B 117 -4.29 -12.76 43.76
N PRO B 118 -4.35 -11.45 44.08
CA PRO B 118 -5.14 -10.48 43.32
C PRO B 118 -4.57 -10.45 41.90
N LEU B 119 -5.30 -9.85 40.96
CA LEU B 119 -4.82 -9.65 39.57
C LEU B 119 -3.59 -8.74 39.64
N SER B 120 -2.42 -9.26 39.28
CA SER B 120 -1.08 -8.65 39.53
C SER B 120 -1.02 -7.27 38.85
N ASN B 121 -0.18 -6.36 39.39
CA ASN B 121 0.07 -4.95 38.97
C ASN B 121 -1.24 -4.15 38.79
N ARG B 122 -2.36 -4.59 39.41
CA ARG B 122 -3.68 -3.93 39.27
C ARG B 122 -4.31 -3.66 40.64
N ILE B 123 -4.82 -2.45 40.83
CA ILE B 123 -5.62 -2.09 42.04
C ILE B 123 -6.96 -2.85 41.99
N ASN B 124 -7.07 -3.92 42.78
CA ASN B 124 -8.24 -4.85 42.83
C ASN B 124 -9.32 -4.29 43.77
N VAL B 125 -10.47 -3.90 43.20
CA VAL B 125 -11.73 -3.51 43.91
C VAL B 125 -12.73 -4.67 43.77
N ILE B 126 -13.60 -4.86 44.76
CA ILE B 126 -14.65 -5.92 44.72
C ILE B 126 -15.93 -5.36 45.33
N LEU B 127 -16.95 -5.14 44.50
CA LEU B 127 -18.36 -4.93 44.94
C LEU B 127 -18.84 -6.22 45.63
N SER B 128 -19.12 -6.14 46.93
CA SER B 128 -19.65 -7.25 47.79
C SER B 128 -20.37 -6.66 49.00
N ARG B 129 -21.69 -6.60 48.94
CA ARG B 129 -22.55 -6.25 50.11
C ARG B 129 -22.06 -7.08 51.30
N THR B 130 -21.86 -8.39 51.12
CA THR B 130 -21.71 -9.39 52.22
C THR B 130 -20.24 -9.86 52.34
N LEU B 131 -19.31 -8.92 52.54
CA LEU B 131 -17.84 -9.17 52.67
C LEU B 131 -17.18 -7.91 53.28
N LYS B 132 -16.12 -8.04 54.09
CA LYS B 132 -15.38 -6.90 54.71
C LYS B 132 -13.88 -7.01 54.45
N LYS B 133 -13.16 -5.88 54.53
CA LYS B 133 -11.74 -5.71 54.09
C LYS B 133 -10.80 -6.55 54.96
N GLU B 134 -11.24 -6.97 56.14
CA GLU B 134 -10.46 -7.77 57.13
C GLU B 134 -10.19 -9.19 56.62
N ASP B 135 -10.95 -9.67 55.60
CA ASP B 135 -10.97 -11.07 55.10
C ASP B 135 -9.95 -11.30 53.95
N PHE B 136 -9.22 -10.26 53.49
CA PHE B 136 -8.16 -10.33 52.44
C PHE B 136 -7.08 -9.26 52.74
N ASP B 137 -6.01 -9.18 51.93
CA ASP B 137 -4.77 -8.39 52.22
C ASP B 137 -5.05 -6.87 52.19
N GLU B 138 -3.99 -6.04 52.25
CA GLU B 138 -4.06 -4.59 52.55
C GLU B 138 -4.43 -3.76 51.31
N ASP B 139 -3.68 -3.90 50.21
CA ASP B 139 -3.83 -3.10 48.97
C ASP B 139 -4.93 -3.69 48.07
N VAL B 140 -5.87 -4.46 48.65
CA VAL B 140 -7.12 -5.03 48.05
C VAL B 140 -8.35 -4.40 48.73
N TYR B 141 -9.16 -3.64 47.96
CA TYR B 141 -10.29 -2.81 48.45
C TYR B 141 -11.59 -3.59 48.28
N ILE B 142 -12.54 -3.36 49.20
CA ILE B 142 -13.94 -3.85 49.15
C ILE B 142 -14.84 -2.62 49.20
N ILE B 143 -15.97 -2.65 48.49
CA ILE B 143 -16.95 -1.52 48.44
C ILE B 143 -18.35 -2.12 48.48
N ASN B 144 -19.29 -1.43 49.10
CA ASN B 144 -20.62 -2.00 49.49
C ASN B 144 -21.67 -1.52 48.49
N LYS B 145 -21.35 -0.49 47.70
CA LYS B 145 -22.27 0.09 46.68
C LYS B 145 -21.42 0.82 45.64
N VAL B 146 -22.06 1.26 44.55
CA VAL B 146 -21.44 1.75 43.28
C VAL B 146 -20.83 3.14 43.52
N GLU B 147 -21.65 4.09 43.98
CA GLU B 147 -21.23 5.51 44.19
C GLU B 147 -20.01 5.52 45.10
N ASP B 148 -19.93 4.58 46.06
CA ASP B 148 -18.77 4.41 46.98
C ASP B 148 -17.54 3.85 46.22
N LEU B 149 -17.39 4.14 44.91
CA LEU B 149 -16.12 3.93 44.11
C LEU B 149 -15.55 5.29 43.66
N ILE B 150 -16.42 6.20 43.19
CA ILE B 150 -16.09 7.64 43.00
C ILE B 150 -15.29 8.09 44.24
N VAL B 151 -15.78 7.72 45.44
CA VAL B 151 -15.11 7.94 46.76
C VAL B 151 -13.66 7.48 46.58
N LEU B 152 -13.45 6.17 46.39
CA LEU B 152 -12.12 5.52 46.43
C LEU B 152 -11.22 6.07 45.31
N LEU B 153 -11.77 6.33 44.12
CA LEU B 153 -10.98 6.86 42.98
C LEU B 153 -10.50 8.28 43.33
N GLY B 154 -11.43 9.12 43.80
CA GLY B 154 -11.16 10.47 44.34
C GLY B 154 -9.95 10.48 45.26
N LYS B 155 -9.78 9.43 46.07
CA LYS B 155 -8.74 9.33 47.14
C LYS B 155 -7.67 8.29 46.80
N LEU B 156 -7.47 7.94 45.52
CA LEU B 156 -6.42 6.96 45.08
C LEU B 156 -5.55 7.55 43.98
N ASN B 157 -4.36 6.96 43.81
CA ASN B 157 -3.38 7.20 42.70
C ASN B 157 -3.42 6.05 41.66
N TYR B 158 -4.18 6.25 40.56
CA TYR B 158 -4.39 5.28 39.45
C TYR B 158 -4.29 6.00 38.09
N TYR B 159 -4.08 5.24 37.01
CA TYR B 159 -4.21 5.73 35.61
C TYR B 159 -5.68 5.66 35.18
N LYS B 160 -6.22 4.44 34.98
CA LYS B 160 -7.61 4.22 34.47
C LYS B 160 -8.32 3.13 35.29
N CYS B 161 -9.66 3.23 35.34
CA CYS B 161 -10.57 2.33 36.09
C CYS B 161 -11.33 1.41 35.12
N PHE B 162 -10.97 0.13 35.08
CA PHE B 162 -11.59 -0.86 34.16
C PHE B 162 -12.66 -1.65 34.92
N ILE B 163 -13.90 -1.65 34.41
CA ILE B 163 -15.03 -2.45 34.98
C ILE B 163 -14.97 -3.85 34.36
N ILE B 164 -14.38 -4.82 35.09
CA ILE B 164 -13.89 -6.13 34.54
C ILE B 164 -14.93 -7.22 34.82
N GLY B 165 -16.07 -6.83 35.39
CA GLY B 165 -17.39 -7.44 35.09
C GLY B 165 -18.10 -8.06 36.28
N GLY B 166 -18.88 -9.09 35.94
CA GLY B 166 -20.24 -9.35 36.46
C GLY B 166 -21.29 -8.89 35.46
N SER B 167 -22.19 -9.79 35.05
CA SER B 167 -23.44 -9.49 34.31
C SER B 167 -24.08 -8.31 35.03
N VAL B 168 -24.25 -8.51 36.34
CA VAL B 168 -24.93 -7.54 37.26
C VAL B 168 -24.05 -6.28 37.34
N VAL B 169 -22.73 -6.44 37.45
CA VAL B 169 -21.75 -5.32 37.61
C VAL B 169 -21.74 -4.47 36.32
N TYR B 170 -21.89 -5.11 35.15
CA TYR B 170 -21.96 -4.41 33.83
C TYR B 170 -23.32 -3.69 33.69
N GLN B 171 -24.42 -4.41 33.95
CA GLN B 171 -25.82 -3.91 33.85
C GLN B 171 -25.92 -2.56 34.60
N GLU B 172 -25.76 -2.58 35.93
CA GLU B 172 -25.98 -1.41 36.82
C GLU B 172 -25.00 -0.28 36.47
N PHE B 173 -23.74 -0.62 36.15
CA PHE B 173 -22.67 0.36 35.83
C PHE B 173 -22.91 1.03 34.47
N LEU B 174 -23.55 0.32 33.52
CA LEU B 174 -23.80 0.83 32.15
C LEU B 174 -25.07 1.69 32.11
N GLU B 175 -26.14 1.23 32.77
CA GLU B 175 -27.46 1.89 32.74
C GLU B 175 -27.43 3.18 33.59
N LYS B 176 -26.38 3.37 34.40
CA LYS B 176 -26.10 4.63 35.15
C LYS B 176 -24.96 5.39 34.45
N LYS B 177 -24.77 5.20 33.14
CA LYS B 177 -23.88 6.03 32.26
C LYS B 177 -22.51 6.31 32.90
N LEU B 178 -22.00 5.36 33.69
CA LEU B 178 -20.68 5.40 34.40
C LEU B 178 -19.50 4.95 33.51
N ILE B 179 -19.75 4.55 32.25
CA ILE B 179 -18.77 3.87 31.34
C ILE B 179 -18.40 4.79 30.19
N LYS B 180 -17.10 5.12 30.05
CA LYS B 180 -16.62 6.02 28.97
C LYS B 180 -16.56 5.25 27.64
N LYS B 181 -15.84 4.12 27.64
CA LYS B 181 -15.77 3.19 26.48
C LYS B 181 -16.06 1.78 26.96
N ILE B 182 -16.30 0.86 26.02
CA ILE B 182 -16.43 -0.61 26.24
C ILE B 182 -15.40 -1.25 25.31
N TYR B 183 -14.31 -1.78 25.87
CA TYR B 183 -13.34 -2.67 25.18
C TYR B 183 -13.96 -4.07 25.13
N PHE B 184 -14.58 -4.40 23.99
CA PHE B 184 -15.50 -5.55 23.82
C PHE B 184 -14.85 -6.54 22.85
N THR B 185 -14.63 -7.79 23.27
CA THR B 185 -14.07 -8.86 22.40
C THR B 185 -15.24 -9.62 21.76
N ARG B 186 -15.21 -9.88 20.44
CA ARG B 186 -16.25 -10.71 19.76
C ARG B 186 -15.69 -12.12 19.51
N ILE B 187 -16.13 -13.09 20.31
CA ILE B 187 -15.81 -14.53 20.16
C ILE B 187 -16.76 -15.04 19.08
N ASN B 188 -16.25 -15.41 17.88
CA ASN B 188 -17.11 -15.87 16.74
C ASN B 188 -17.28 -17.39 16.78
N SER B 189 -17.98 -17.88 17.82
CA SER B 189 -18.37 -19.29 18.05
C SER B 189 -19.46 -19.29 19.11
N THR B 190 -20.38 -20.27 19.09
CA THR B 190 -21.50 -20.42 20.05
C THR B 190 -21.06 -21.28 21.26
N TYR B 191 -21.52 -20.97 22.47
CA TYR B 191 -21.39 -21.86 23.64
C TYR B 191 -22.70 -21.89 24.44
N GLU B 192 -22.72 -22.73 25.47
CA GLU B 192 -23.75 -22.78 26.53
C GLU B 192 -23.43 -21.65 27.51
N CYS B 193 -24.46 -20.92 27.97
CA CYS B 193 -24.39 -19.64 28.73
C CYS B 193 -25.55 -19.58 29.76
N ASP B 194 -25.35 -18.95 30.92
CA ASP B 194 -26.42 -18.67 31.93
C ASP B 194 -26.50 -17.17 32.24
N VAL B 195 -25.47 -16.40 31.90
CA VAL B 195 -25.38 -14.91 32.07
C VAL B 195 -24.90 -14.25 30.78
N PHE B 196 -25.48 -13.09 30.47
CA PHE B 196 -25.29 -12.38 29.19
C PHE B 196 -24.87 -10.91 29.46
N PHE B 197 -24.42 -10.18 28.43
CA PHE B 197 -24.16 -8.71 28.46
C PHE B 197 -25.48 -8.02 28.17
N PRO B 198 -25.70 -6.80 28.65
CA PRO B 198 -26.91 -6.05 28.30
C PRO B 198 -26.89 -5.41 26.90
N GLU B 199 -28.02 -5.48 26.22
CA GLU B 199 -28.31 -4.79 24.93
C GLU B 199 -27.86 -3.33 25.07
N ILE B 200 -26.56 -3.07 24.87
CA ILE B 200 -25.98 -1.71 24.64
C ILE B 200 -26.90 -0.99 23.66
N ASN B 201 -27.23 0.29 23.90
CA ASN B 201 -28.09 1.08 22.99
C ASN B 201 -27.20 1.78 21.95
N GLU B 202 -27.43 1.49 20.66
CA GLU B 202 -26.65 2.04 19.53
C GLU B 202 -26.81 3.57 19.46
N ASN B 203 -27.79 4.17 20.17
CA ASN B 203 -27.99 5.64 20.26
C ASN B 203 -27.28 6.19 21.51
N GLU B 204 -26.86 5.32 22.44
CA GLU B 204 -26.05 5.67 23.65
C GLU B 204 -24.55 5.51 23.34
N TYR B 205 -24.16 4.37 22.76
CA TYR B 205 -22.76 4.02 22.36
C TYR B 205 -22.72 3.78 20.84
N GLN B 206 -21.56 4.06 20.22
CA GLN B 206 -21.27 3.75 18.79
C GLN B 206 -19.84 3.19 18.69
N ILE B 207 -19.61 2.24 17.76
CA ILE B 207 -18.28 1.65 17.47
C ILE B 207 -17.44 2.74 16.76
N ILE B 208 -16.23 2.99 17.25
CA ILE B 208 -15.20 3.84 16.58
C ILE B 208 -14.03 2.99 16.06
N SER B 209 -13.79 1.78 16.60
CA SER B 209 -12.58 0.98 16.26
C SER B 209 -12.90 -0.52 16.16
N VAL B 210 -12.36 -1.16 15.10
CA VAL B 210 -12.48 -2.60 14.79
C VAL B 210 -11.06 -3.08 14.52
N SER B 211 -10.61 -4.12 15.22
CA SER B 211 -9.20 -4.60 15.19
C SER B 211 -9.00 -5.60 14.03
N ASP B 212 -7.80 -6.18 13.93
CA ASP B 212 -7.54 -7.31 12.99
C ASP B 212 -8.29 -8.54 13.52
N VAL B 213 -8.67 -9.46 12.61
CA VAL B 213 -9.32 -10.75 12.99
C VAL B 213 -8.21 -11.77 13.20
N TYR B 214 -8.43 -12.70 14.11
CA TYR B 214 -7.41 -13.65 14.61
C TYR B 214 -8.12 -14.96 14.86
N THR B 215 -7.37 -16.06 14.74
CA THR B 215 -7.73 -17.39 15.28
C THR B 215 -6.98 -17.59 16.60
N SER B 216 -7.64 -18.16 17.61
CA SER B 216 -7.04 -18.69 18.87
C SER B 216 -8.02 -19.71 19.44
N ASN B 217 -7.48 -20.81 19.96
CA ASN B 217 -8.31 -21.86 20.62
C ASN B 217 -9.54 -22.10 19.74
N ASN B 218 -9.31 -22.29 18.44
CA ASN B 218 -10.26 -22.93 17.50
C ASN B 218 -11.48 -22.04 17.21
N THR B 219 -11.34 -20.72 17.31
CA THR B 219 -12.41 -19.73 16.99
C THR B 219 -11.74 -18.47 16.44
N THR B 220 -12.41 -17.82 15.49
CA THR B 220 -12.08 -16.42 15.11
C THR B 220 -12.58 -15.54 16.27
N LEU B 221 -11.84 -14.46 16.51
CA LEU B 221 -12.21 -13.32 17.38
C LEU B 221 -11.56 -12.06 16.83
N ASP B 222 -12.15 -10.91 17.15
CA ASP B 222 -11.63 -9.56 16.85
C ASP B 222 -11.94 -8.71 18.09
N PHE B 223 -11.43 -7.47 18.13
CA PHE B 223 -11.57 -6.56 19.29
C PHE B 223 -12.24 -5.27 18.81
N ILE B 224 -13.35 -4.85 19.43
CA ILE B 224 -13.99 -3.55 19.06
C ILE B 224 -14.06 -2.59 20.27
N ILE B 225 -14.20 -1.32 19.95
CA ILE B 225 -14.26 -0.23 20.96
C ILE B 225 -15.55 0.57 20.74
N TYR B 226 -16.43 0.57 21.76
CA TYR B 226 -17.59 1.49 21.91
C TYR B 226 -17.18 2.75 22.70
N LYS B 227 -17.62 3.92 22.25
CA LYS B 227 -17.42 5.22 22.95
C LYS B 227 -18.79 5.86 23.20
N LYS B 228 -18.99 6.41 24.41
CA LYS B 228 -20.08 7.35 24.77
C LYS B 228 -20.26 8.38 23.64
N THR B 229 -21.45 8.46 23.04
CA THR B 229 -21.81 9.51 22.06
C THR B 229 -21.91 10.88 22.77
N ASN B 230 -21.65 11.97 22.03
CA ASN B 230 -21.82 13.39 22.47
C ASN B 230 -23.14 13.96 21.90
N ASN B 231 -24.24 13.71 22.63
CA ASN B 231 -25.61 14.25 22.37
C ASN B 231 -25.79 15.51 23.24
N ASP B 283 9.38 14.69 17.17
CA ASP B 283 9.46 16.18 17.30
C ASP B 283 8.34 16.84 16.48
N ASP B 284 7.65 17.82 17.06
CA ASP B 284 6.51 18.54 16.43
C ASP B 284 7.03 19.50 15.35
N GLU B 285 8.33 19.47 15.04
CA GLU B 285 9.04 20.37 14.08
C GLU B 285 8.74 19.94 12.64
N GLU B 286 8.83 18.63 12.39
CA GLU B 286 8.55 17.98 11.08
C GLU B 286 7.04 17.78 10.91
N GLU B 287 6.20 18.48 11.69
CA GLU B 287 4.76 18.66 11.34
C GLU B 287 4.66 19.59 10.14
N ASP B 288 5.40 20.71 10.17
CA ASP B 288 5.35 21.77 9.13
C ASP B 288 5.97 21.24 7.82
N ASP B 289 7.15 20.64 7.90
CA ASP B 289 7.77 19.91 6.76
C ASP B 289 6.69 19.08 6.03
N PHE B 290 5.83 18.37 6.76
CA PHE B 290 4.72 17.57 6.19
C PHE B 290 3.86 18.42 5.23
N VAL B 291 3.50 19.64 5.63
CA VAL B 291 2.56 20.56 4.89
C VAL B 291 3.25 21.08 3.63
N TYR B 292 4.54 21.35 3.71
CA TYR B 292 5.34 21.88 2.58
C TYR B 292 5.33 20.80 1.48
N PHE B 293 5.83 19.60 1.80
CA PHE B 293 5.87 18.44 0.87
C PHE B 293 4.45 18.10 0.40
N ASN B 294 3.41 18.56 1.08
CA ASN B 294 2.01 18.32 0.62
C ASN B 294 1.51 19.54 -0.17
N PHE B 295 2.39 20.44 -0.55
CA PHE B 295 1.99 21.73 -1.15
C PHE B 295 1.38 21.51 -2.53
N ASN B 296 1.31 20.30 -3.08
CA ASN B 296 0.84 20.16 -4.49
C ASN B 296 -0.48 19.38 -4.61
N LYS B 297 -1.07 18.95 -3.50
CA LYS B 297 -2.25 18.03 -3.55
C LYS B 297 -3.45 18.74 -4.17
N GLU B 298 -4.27 17.93 -4.83
CA GLU B 298 -5.10 18.29 -6.02
C GLU B 298 -6.41 18.98 -5.58
N LYS B 299 -6.98 18.56 -4.44
CA LYS B 299 -8.36 18.89 -3.96
C LYS B 299 -8.32 20.10 -2.99
N GLU B 300 -9.47 20.75 -2.78
CA GLU B 300 -9.77 21.61 -1.60
C GLU B 300 -11.29 21.57 -1.32
N GLU B 301 -11.84 20.36 -1.16
CA GLU B 301 -13.27 20.02 -0.92
C GLU B 301 -14.15 20.37 -2.13
N LYS B 302 -14.19 19.45 -3.12
CA LYS B 302 -15.14 19.44 -4.28
C LYS B 302 -15.58 17.99 -4.56
N ASN B 303 -15.83 17.21 -3.48
CA ASN B 303 -15.90 15.72 -3.34
C ASN B 303 -15.25 14.95 -4.52
N LYS B 304 -14.25 15.53 -5.23
CA LYS B 304 -13.60 15.01 -6.47
C LYS B 304 -14.65 14.40 -7.44
N ASN B 305 -15.44 13.42 -6.97
CA ASN B 305 -16.76 13.02 -7.56
C ASN B 305 -17.91 13.32 -6.57
N SER B 306 -19.13 13.63 -7.07
CA SER B 306 -20.33 14.09 -6.29
C SER B 306 -20.98 12.92 -5.55
N ILE B 307 -20.25 12.37 -4.56
CA ILE B 307 -20.62 11.19 -3.74
C ILE B 307 -21.14 11.66 -2.38
N HIS B 308 -20.55 12.75 -1.81
CA HIS B 308 -20.92 13.42 -0.53
C HIS B 308 -20.46 12.58 0.68
N PRO B 309 -19.21 12.79 1.17
CA PRO B 309 -18.74 12.13 2.39
C PRO B 309 -19.71 12.12 3.58
N ASN B 310 -20.43 13.23 3.80
CA ASN B 310 -21.57 13.39 4.75
C ASN B 310 -22.31 12.07 5.00
N ASP B 311 -22.76 11.38 3.95
CA ASP B 311 -23.69 10.21 4.03
C ASP B 311 -23.09 9.05 4.82
N PHE B 312 -21.80 8.76 4.66
CA PHE B 312 -21.13 7.67 5.43
C PHE B 312 -20.44 8.24 6.68
N GLN B 313 -21.18 8.95 7.53
CA GLN B 313 -20.63 9.44 8.83
C GLN B 313 -19.92 8.28 9.54
N ILE B 314 -20.46 7.06 9.47
CA ILE B 314 -19.97 5.95 10.33
C ILE B 314 -18.58 5.51 9.86
N TYR B 315 -18.38 5.32 8.56
CA TYR B 315 -17.06 4.99 7.94
C TYR B 315 -16.05 6.07 8.33
N ASN B 316 -16.44 7.33 8.18
CA ASN B 316 -15.54 8.49 8.38
C ASN B 316 -15.31 8.70 9.88
N SER B 317 -16.20 8.17 10.73
CA SER B 317 -16.17 8.40 12.20
C SER B 317 -15.34 7.31 12.89
N LEU B 318 -15.06 6.20 12.22
CA LEU B 318 -14.17 5.14 12.76
C LEU B 318 -12.76 5.70 12.74
N LYS B 319 -11.96 5.32 13.73
CA LYS B 319 -10.61 5.86 13.94
C LYS B 319 -9.65 4.83 13.33
N TYR B 320 -9.45 3.69 14.00
CA TYR B 320 -8.64 2.54 13.51
C TYR B 320 -9.58 1.55 12.81
N LYS B 321 -9.40 1.35 11.49
CA LYS B 321 -10.11 0.31 10.70
C LYS B 321 -9.13 -0.80 10.34
N TYR B 322 -8.75 -1.64 11.31
CA TYR B 322 -7.73 -2.71 11.09
C TYR B 322 -8.39 -4.01 10.59
N HIS B 323 -9.72 -4.16 10.58
CA HIS B 323 -10.41 -5.40 10.11
C HIS B 323 -10.07 -5.60 8.64
N PRO B 324 -9.65 -6.81 8.18
CA PRO B 324 -9.27 -7.05 6.78
C PRO B 324 -10.34 -6.71 5.75
N GLU B 325 -11.60 -6.80 6.12
CA GLU B 325 -12.70 -6.42 5.20
C GLU B 325 -12.53 -4.97 4.72
N TYR B 326 -11.89 -4.09 5.49
CA TYR B 326 -11.67 -2.68 5.08
C TYR B 326 -10.68 -2.64 3.88
N GLN B 327 -9.86 -3.67 3.68
CA GLN B 327 -9.04 -3.70 2.44
C GLN B 327 -10.01 -3.59 1.24
N TYR B 328 -11.19 -4.20 1.31
CA TYR B 328 -12.23 -4.10 0.25
C TYR B 328 -12.92 -2.73 0.30
N LEU B 329 -13.47 -2.38 1.45
CA LEU B 329 -14.29 -1.15 1.67
C LEU B 329 -13.48 0.10 1.27
N ASN B 330 -12.21 0.18 1.71
CA ASN B 330 -11.28 1.31 1.40
C ASN B 330 -11.10 1.48 -0.12
N ILE B 331 -11.14 0.40 -0.89
CA ILE B 331 -11.04 0.44 -2.39
C ILE B 331 -12.36 0.98 -2.94
N ILE B 332 -13.50 0.49 -2.45
CA ILE B 332 -14.83 1.05 -2.83
C ILE B 332 -14.74 2.56 -2.61
N TYR B 333 -14.22 2.95 -1.43
CA TYR B 333 -14.12 4.35 -1.01
C TYR B 333 -13.25 5.07 -2.02
N ASP B 334 -12.09 4.48 -2.31
CA ASP B 334 -11.07 5.19 -3.12
C ASP B 334 -11.60 5.41 -4.54
N ILE B 335 -12.17 4.40 -5.17
CA ILE B 335 -12.78 4.53 -6.53
C ILE B 335 -13.91 5.57 -6.46
N MET B 336 -14.92 5.41 -5.60
CA MET B 336 -15.97 6.45 -5.46
C MET B 336 -15.33 7.85 -5.40
N MET B 337 -14.34 8.04 -4.53
CA MET B 337 -13.89 9.42 -4.15
C MET B 337 -12.97 10.00 -5.23
N ASN B 338 -12.26 9.14 -5.99
CA ASN B 338 -11.17 9.56 -6.92
C ASN B 338 -11.31 8.85 -8.27
N GLY B 339 -12.41 8.12 -8.47
CA GLY B 339 -12.65 7.31 -9.68
C GLY B 339 -12.72 8.14 -10.93
N ASN B 340 -12.28 7.60 -12.08
CA ASN B 340 -12.37 8.27 -13.38
C ASN B 340 -13.73 7.89 -13.95
N LYS B 341 -14.62 8.87 -14.23
CA LYS B 341 -15.94 8.61 -14.86
C LYS B 341 -15.71 8.00 -16.25
N GLN B 342 -16.30 6.85 -16.57
CA GLN B 342 -16.13 6.21 -17.91
C GLN B 342 -17.40 5.47 -18.31
N SER B 343 -17.73 5.52 -19.62
CA SER B 343 -18.66 4.62 -20.34
C SER B 343 -17.89 3.39 -20.84
N ASP B 344 -18.34 2.17 -20.50
CA ASP B 344 -17.64 0.89 -20.77
C ASP B 344 -18.31 0.15 -21.95
N ARG B 345 -17.84 -1.10 -22.18
CA ARG B 345 -18.27 -2.06 -23.25
C ARG B 345 -19.79 -2.31 -23.20
N THR B 346 -20.37 -2.37 -21.99
CA THR B 346 -21.84 -2.49 -21.73
C THR B 346 -22.53 -1.19 -22.19
N GLY B 347 -21.82 -0.05 -22.29
CA GLY B 347 -22.32 1.27 -22.71
C GLY B 347 -23.13 1.97 -21.62
N VAL B 348 -22.69 1.87 -20.35
CA VAL B 348 -23.54 1.86 -19.11
C VAL B 348 -23.07 2.87 -18.05
N GLY B 349 -21.78 2.86 -17.70
CA GLY B 349 -21.18 3.90 -16.83
C GLY B 349 -20.48 3.35 -15.59
N VAL B 350 -19.17 3.59 -15.47
CA VAL B 350 -18.32 3.16 -14.31
C VAL B 350 -17.49 4.33 -13.82
N LEU B 351 -17.10 4.22 -12.56
CA LEU B 351 -15.88 4.83 -11.98
C LEU B 351 -14.78 3.76 -11.94
N SER B 352 -13.63 4.04 -12.56
CA SER B 352 -12.51 3.09 -12.76
C SER B 352 -11.22 3.68 -12.19
N LYS B 353 -10.44 2.91 -11.44
CA LYS B 353 -8.98 3.18 -11.28
C LYS B 353 -8.24 1.90 -11.69
N PHE B 354 -6.92 1.90 -11.59
CA PHE B 354 -6.00 0.88 -12.15
C PHE B 354 -4.97 0.40 -11.10
N GLY B 355 -5.02 -0.87 -10.74
CA GLY B 355 -3.99 -1.49 -9.88
C GLY B 355 -4.24 -1.29 -8.40
N TYR B 356 -4.73 -2.31 -7.69
CA TYR B 356 -4.79 -2.37 -6.20
C TYR B 356 -4.30 -3.72 -5.73
N ILE B 357 -3.76 -3.86 -4.52
CA ILE B 357 -3.45 -5.20 -3.93
C ILE B 357 -4.36 -5.39 -2.73
N MET B 358 -4.75 -6.62 -2.44
CA MET B 358 -5.40 -6.99 -1.17
C MET B 358 -4.67 -8.25 -0.67
N LYS B 359 -4.37 -8.36 0.63
CA LYS B 359 -3.79 -9.59 1.20
C LYS B 359 -4.72 -10.07 2.29
N PHE B 360 -5.09 -11.35 2.31
CA PHE B 360 -5.95 -11.95 3.36
C PHE B 360 -5.15 -13.08 4.03
N ASP B 361 -5.24 -13.15 5.36
CA ASP B 361 -4.53 -14.19 6.13
C ASP B 361 -5.43 -15.41 6.33
N LEU B 362 -5.24 -16.43 5.49
CA LEU B 362 -6.14 -17.61 5.42
C LEU B 362 -5.91 -18.52 6.64
N SER B 363 -4.87 -18.25 7.43
CA SER B 363 -4.51 -18.98 8.68
C SER B 363 -5.28 -18.40 9.86
N GLN B 364 -5.66 -17.13 9.76
CA GLN B 364 -6.39 -16.41 10.83
C GLN B 364 -7.88 -16.44 10.54
N TYR B 365 -8.31 -16.44 9.27
CA TYR B 365 -9.75 -16.27 8.90
C TYR B 365 -9.99 -16.57 7.43
N PHE B 366 -11.27 -16.74 7.10
CA PHE B 366 -11.79 -16.91 5.74
C PHE B 366 -12.54 -15.66 5.30
N PRO B 367 -12.04 -14.92 4.28
CA PRO B 367 -12.44 -13.54 4.08
C PRO B 367 -13.71 -13.43 3.23
N LEU B 368 -14.81 -13.99 3.74
CA LEU B 368 -16.15 -13.82 3.13
C LEU B 368 -16.81 -12.55 3.66
N LEU B 369 -17.06 -11.53 2.82
CA LEU B 369 -17.64 -10.21 3.24
C LEU B 369 -18.80 -10.39 4.22
N THR B 370 -18.80 -9.59 5.30
CA THR B 370 -19.82 -9.59 6.39
C THR B 370 -20.79 -8.40 6.26
N THR B 371 -20.40 -7.37 5.51
CA THR B 371 -21.21 -6.14 5.33
C THR B 371 -22.36 -6.44 4.37
N LYS B 372 -22.52 -7.69 3.93
CA LYS B 372 -23.70 -8.16 3.15
C LYS B 372 -23.67 -9.68 3.03
N LYS B 373 -24.81 -10.27 2.69
CA LYS B 373 -24.96 -11.75 2.62
C LYS B 373 -24.21 -12.25 1.37
N LEU B 374 -23.42 -13.31 1.50
CA LEU B 374 -22.80 -14.00 0.34
C LEU B 374 -23.08 -15.48 0.46
N PHE B 375 -23.61 -16.04 -0.62
CA PHE B 375 -23.85 -17.48 -0.85
C PHE B 375 -22.68 -18.07 -1.63
N LEU B 376 -22.18 -19.25 -1.24
CA LEU B 376 -20.98 -19.83 -1.88
C LEU B 376 -21.22 -21.18 -2.55
N ARG B 377 -22.44 -21.73 -2.61
CA ARG B 377 -22.71 -23.04 -3.28
C ARG B 377 -22.30 -22.92 -4.75
N GLY B 378 -22.89 -21.91 -5.42
CA GLY B 378 -22.72 -21.55 -6.84
C GLY B 378 -21.25 -21.47 -7.17
N ILE B 379 -20.51 -20.64 -6.44
CA ILE B 379 -19.09 -20.34 -6.76
C ILE B 379 -18.24 -21.59 -6.49
N ILE B 380 -18.59 -22.44 -5.54
CA ILE B 380 -17.91 -23.74 -5.27
C ILE B 380 -18.19 -24.70 -6.45
N GLU B 381 -19.45 -24.85 -6.86
CA GLU B 381 -19.78 -25.76 -7.99
C GLU B 381 -18.98 -25.24 -9.20
N GLU B 382 -18.92 -23.94 -9.41
CA GLU B 382 -18.21 -23.36 -10.58
C GLU B 382 -16.72 -23.75 -10.49
N LEU B 383 -16.05 -23.59 -9.35
CA LEU B 383 -14.66 -24.09 -9.15
C LEU B 383 -14.53 -25.61 -9.41
N LEU B 384 -15.45 -26.47 -8.93
CA LEU B 384 -15.37 -27.94 -9.14
C LEU B 384 -15.41 -28.29 -10.65
N TRP B 385 -16.26 -27.59 -11.37
CA TRP B 385 -16.44 -27.59 -12.85
C TRP B 385 -15.16 -27.18 -13.58
N PHE B 386 -14.53 -26.08 -13.21
CA PHE B 386 -13.16 -25.72 -13.65
C PHE B 386 -12.23 -26.93 -13.45
N ILE B 387 -12.20 -27.54 -12.27
CA ILE B 387 -11.18 -28.59 -11.95
C ILE B 387 -11.42 -29.83 -12.82
N ARG B 388 -12.69 -30.12 -13.14
CA ARG B 388 -13.05 -31.28 -13.98
C ARG B 388 -12.71 -30.99 -15.45
N GLY B 389 -12.39 -29.74 -15.79
CA GLY B 389 -11.97 -29.40 -17.16
C GLY B 389 -13.16 -29.14 -18.05
N GLU B 390 -14.36 -29.02 -17.46
CA GLU B 390 -15.63 -28.85 -18.22
C GLU B 390 -15.72 -27.43 -18.79
N THR B 391 -16.32 -27.35 -19.98
CA THR B 391 -16.70 -26.14 -20.74
C THR B 391 -18.20 -26.18 -21.02
N ASN B 392 -18.89 -27.15 -20.42
CA ASN B 392 -20.30 -27.48 -20.75
C ASN B 392 -21.24 -26.66 -19.86
N GLY B 393 -21.76 -25.56 -20.36
CA GLY B 393 -22.65 -24.67 -19.62
C GLY B 393 -23.78 -25.42 -18.93
N ASN B 394 -24.26 -26.51 -19.53
CA ASN B 394 -25.53 -27.17 -19.14
C ASN B 394 -25.32 -27.86 -17.80
N THR B 395 -24.10 -28.36 -17.55
CA THR B 395 -23.75 -29.04 -16.28
C THR B 395 -24.11 -28.12 -15.11
N LEU B 396 -23.72 -26.84 -15.19
CA LEU B 396 -24.00 -25.84 -14.13
C LEU B 396 -25.50 -25.52 -14.08
N LEU B 397 -26.17 -25.41 -15.24
CA LEU B 397 -27.60 -24.98 -15.28
C LEU B 397 -28.44 -26.11 -14.67
N ASN B 398 -28.07 -27.35 -14.91
CA ASN B 398 -28.71 -28.53 -14.23
C ASN B 398 -28.61 -28.48 -12.71
N LYS B 399 -27.65 -27.76 -12.11
CA LYS B 399 -27.53 -27.56 -10.64
C LYS B 399 -27.95 -26.14 -10.24
N ASN B 400 -28.60 -25.40 -11.16
CA ASN B 400 -29.10 -24.01 -10.95
C ASN B 400 -27.97 -23.10 -10.47
N VAL B 401 -26.78 -23.26 -11.05
CA VAL B 401 -25.65 -22.30 -10.94
C VAL B 401 -25.69 -21.57 -12.27
N ARG B 402 -25.98 -20.26 -12.24
CA ARG B 402 -26.44 -19.48 -13.42
C ARG B 402 -25.44 -18.36 -13.74
N ILE B 403 -24.25 -18.45 -13.14
CA ILE B 403 -23.09 -17.52 -13.31
C ILE B 403 -22.92 -17.32 -14.80
N TRP B 404 -22.88 -18.41 -15.56
CA TRP B 404 -22.48 -18.44 -16.99
C TRP B 404 -23.67 -18.42 -17.96
N GLU B 405 -24.92 -18.35 -17.47
CA GLU B 405 -26.12 -18.52 -18.31
C GLU B 405 -26.10 -17.42 -19.34
N ALA B 406 -25.93 -16.17 -18.97
CA ALA B 406 -26.10 -15.06 -19.94
C ALA B 406 -25.06 -15.24 -21.08
N ASN B 407 -23.95 -15.97 -20.85
CA ASN B 407 -22.83 -16.03 -21.83
C ASN B 407 -22.99 -17.21 -22.76
N GLY B 408 -23.96 -18.11 -22.52
CA GLY B 408 -24.20 -19.32 -23.35
C GLY B 408 -25.35 -19.20 -24.36
N THR B 409 -26.04 -18.07 -24.42
CA THR B 409 -27.28 -17.96 -25.23
C THR B 409 -26.90 -17.84 -26.71
N ARG B 410 -27.81 -18.22 -27.59
CA ARG B 410 -27.66 -18.01 -29.05
C ARG B 410 -27.10 -16.61 -29.28
N GLU B 411 -27.77 -15.62 -28.66
CA GLU B 411 -27.61 -14.17 -28.94
C GLU B 411 -26.23 -13.73 -28.50
N PHE B 412 -25.84 -14.05 -27.27
CA PHE B 412 -24.49 -13.68 -26.80
C PHE B 412 -23.41 -14.30 -27.71
N LEU B 413 -23.55 -15.55 -28.10
CA LEU B 413 -22.49 -16.23 -28.88
C LEU B 413 -22.44 -15.67 -30.30
N ASP B 414 -23.62 -15.45 -30.88
CA ASP B 414 -23.81 -14.77 -32.19
C ASP B 414 -23.08 -13.41 -32.11
N ASN B 415 -23.41 -12.60 -31.11
CA ASN B 415 -22.76 -11.26 -30.96
C ASN B 415 -21.22 -11.41 -30.77
N ARG B 416 -20.67 -12.54 -30.27
CA ARG B 416 -19.20 -12.84 -30.22
C ARG B 416 -18.71 -13.43 -31.55
N LYS B 417 -19.58 -13.46 -32.56
CA LYS B 417 -19.29 -14.00 -33.92
C LYS B 417 -19.05 -15.52 -33.82
N LEU B 418 -19.64 -16.19 -32.82
CA LEU B 418 -19.48 -17.66 -32.60
C LEU B 418 -20.70 -18.40 -33.16
N PHE B 419 -20.99 -18.12 -34.43
CA PHE B 419 -22.18 -18.56 -35.18
C PHE B 419 -22.22 -20.07 -35.18
N HIS B 420 -21.13 -20.75 -34.87
CA HIS B 420 -20.99 -22.21 -35.14
C HIS B 420 -20.88 -22.96 -33.82
N ARG B 421 -21.43 -22.41 -32.76
CA ARG B 421 -21.14 -22.85 -31.38
C ARG B 421 -22.50 -23.18 -30.75
N GLU B 422 -22.59 -24.37 -30.14
CA GLU B 422 -23.77 -24.80 -29.37
C GLU B 422 -23.96 -23.89 -28.15
N VAL B 423 -25.21 -23.45 -27.95
CA VAL B 423 -25.74 -22.73 -26.77
C VAL B 423 -25.19 -23.43 -25.55
N ASN B 424 -24.65 -22.67 -24.59
CA ASN B 424 -24.04 -23.21 -23.36
C ASN B 424 -22.70 -23.96 -23.66
N ASP B 425 -22.23 -24.01 -24.91
CA ASP B 425 -20.82 -24.45 -25.18
C ASP B 425 -19.96 -23.20 -25.08
N LEU B 426 -19.33 -22.98 -23.95
CA LEU B 426 -18.67 -21.67 -23.67
C LEU B 426 -17.26 -21.64 -24.28
N GLY B 427 -16.85 -22.73 -24.90
CA GLY B 427 -15.55 -22.78 -25.58
C GLY B 427 -14.40 -23.10 -24.62
N PRO B 428 -13.15 -22.81 -25.01
CA PRO B 428 -11.98 -23.16 -24.23
C PRO B 428 -11.66 -22.09 -23.19
N ILE B 429 -12.51 -22.08 -22.15
CA ILE B 429 -12.45 -21.16 -20.99
C ILE B 429 -11.77 -21.93 -19.85
N TYR B 430 -11.88 -21.46 -18.61
CA TYR B 430 -10.97 -21.83 -17.49
C TYR B 430 -10.63 -23.32 -17.53
N GLY B 431 -11.60 -24.20 -17.33
CA GLY B 431 -11.39 -25.65 -17.13
C GLY B 431 -10.51 -26.25 -18.20
N PHE B 432 -10.70 -25.82 -19.46
CA PHE B 432 -10.03 -26.40 -20.68
C PHE B 432 -8.56 -25.96 -20.67
N GLN B 433 -8.32 -24.71 -20.33
CA GLN B 433 -6.96 -24.11 -20.26
C GLN B 433 -6.22 -24.75 -19.10
N TRP B 434 -6.94 -24.98 -18.01
CA TRP B 434 -6.43 -25.54 -16.74
C TRP B 434 -5.91 -26.95 -16.96
N ARG B 435 -6.61 -27.72 -17.80
CA ARG B 435 -6.44 -29.18 -17.96
C ARG B 435 -5.92 -29.54 -19.36
N HIS B 436 -5.92 -28.64 -20.35
CA HIS B 436 -5.68 -28.97 -21.78
C HIS B 436 -5.07 -27.82 -22.57
N PHE B 437 -4.47 -26.85 -21.92
CA PHE B 437 -3.95 -25.67 -22.65
C PHE B 437 -3.20 -26.14 -23.89
N GLY B 438 -3.63 -25.68 -25.08
CA GLY B 438 -2.92 -25.81 -26.37
C GLY B 438 -3.56 -26.88 -27.25
N ALA B 439 -4.40 -27.71 -26.66
CA ALA B 439 -5.26 -28.63 -27.43
C ALA B 439 -6.22 -27.81 -28.28
N GLU B 440 -6.64 -28.42 -29.38
CA GLU B 440 -7.53 -27.79 -30.39
C GLU B 440 -8.95 -27.99 -29.86
N TYR B 441 -9.61 -26.93 -29.43
CA TYR B 441 -10.99 -27.01 -28.90
C TYR B 441 -11.90 -27.49 -30.03
N THR B 442 -12.72 -28.50 -29.79
CA THR B 442 -13.69 -29.02 -30.80
C THR B 442 -15.10 -28.61 -30.38
N ASN B 443 -15.63 -29.23 -29.33
CA ASN B 443 -17.01 -28.97 -28.84
C ASN B 443 -16.98 -29.43 -27.37
N MET B 444 -18.08 -29.25 -26.64
CA MET B 444 -18.01 -29.33 -25.16
C MET B 444 -18.16 -30.78 -24.73
N TYR B 445 -18.34 -31.72 -25.67
CA TYR B 445 -18.54 -33.14 -25.32
C TYR B 445 -17.33 -33.99 -25.73
N ASP B 446 -16.35 -33.45 -26.43
CA ASP B 446 -15.15 -34.23 -26.84
C ASP B 446 -14.45 -34.82 -25.61
N ASN B 447 -13.89 -36.00 -25.80
CA ASN B 447 -12.86 -36.57 -24.90
C ASN B 447 -11.50 -35.94 -25.24
N TYR B 448 -10.98 -35.10 -24.35
CA TYR B 448 -9.72 -34.33 -24.56
C TYR B 448 -8.59 -35.05 -23.81
N GLU B 449 -8.84 -36.28 -23.32
CA GLU B 449 -7.94 -36.95 -22.32
C GLU B 449 -6.53 -37.03 -22.90
N ASN B 450 -5.55 -36.43 -22.22
CA ASN B 450 -4.11 -36.38 -22.61
C ASN B 450 -3.88 -35.47 -23.81
N LYS B 451 -4.81 -34.60 -24.16
CA LYS B 451 -4.54 -33.53 -25.15
C LYS B 451 -4.21 -32.22 -24.44
N GLY B 452 -3.09 -31.61 -24.83
CA GLY B 452 -2.61 -30.33 -24.30
C GLY B 452 -2.07 -30.52 -22.91
N VAL B 453 -1.76 -29.43 -22.24
CA VAL B 453 -0.95 -29.38 -21.01
C VAL B 453 -1.90 -29.29 -19.83
N ASP B 454 -1.76 -30.22 -18.89
CA ASP B 454 -2.45 -30.21 -17.58
C ASP B 454 -1.63 -29.38 -16.60
N GLN B 455 -1.75 -28.06 -16.74
CA GLN B 455 -1.22 -27.02 -15.82
C GLN B 455 -1.63 -27.38 -14.40
N LEU B 456 -2.88 -27.81 -14.17
CA LEU B 456 -3.33 -28.05 -12.78
C LEU B 456 -2.48 -29.15 -12.13
N LYS B 457 -2.32 -30.26 -12.82
CA LYS B 457 -1.40 -31.39 -12.48
C LYS B 457 0.04 -30.86 -12.29
N ASN B 458 0.46 -30.02 -13.21
CA ASN B 458 1.84 -29.51 -13.22
C ASN B 458 2.09 -28.66 -11.96
N ILE B 459 1.22 -27.72 -11.58
CA ILE B 459 1.50 -26.79 -10.44
C ILE B 459 1.42 -27.59 -9.15
N ILE B 460 0.50 -28.55 -9.04
CA ILE B 460 0.40 -29.39 -7.82
C ILE B 460 1.70 -30.18 -7.58
N ASN B 461 2.34 -30.73 -8.63
CA ASN B 461 3.60 -31.52 -8.52
C ASN B 461 4.78 -30.60 -8.26
N LEU B 462 4.79 -29.38 -8.82
CA LEU B 462 5.88 -28.38 -8.58
C LEU B 462 5.86 -27.93 -7.14
N ILE B 463 4.67 -27.65 -6.60
CA ILE B 463 4.47 -27.28 -5.16
C ILE B 463 5.13 -28.36 -4.29
N LYS B 464 4.96 -29.62 -4.68
CA LYS B 464 5.34 -30.83 -3.90
C LYS B 464 6.82 -31.23 -4.04
N ASN B 465 7.43 -31.03 -5.20
CA ASN B 465 8.77 -31.52 -5.62
C ASN B 465 9.74 -30.35 -5.78
N ASP B 466 9.25 -29.15 -6.11
CA ASP B 466 10.09 -27.93 -6.24
C ASP B 466 9.36 -26.74 -5.62
N PRO B 467 9.08 -26.77 -4.29
CA PRO B 467 8.27 -25.74 -3.65
C PRO B 467 8.88 -24.36 -3.91
N THR B 468 10.20 -24.26 -4.03
CA THR B 468 10.94 -22.96 -4.11
C THR B 468 10.98 -22.44 -5.54
N SER B 469 10.39 -23.17 -6.48
CA SER B 469 10.16 -22.72 -7.90
C SER B 469 9.43 -21.36 -7.95
N ARG B 470 9.84 -20.54 -8.89
CA ARG B 470 9.24 -19.22 -9.04
C ARG B 470 8.46 -19.28 -10.33
N ARG B 471 8.07 -20.48 -10.73
CA ARG B 471 7.36 -20.73 -12.02
C ARG B 471 6.05 -21.42 -11.76
N ILE B 472 5.65 -21.59 -10.52
CA ILE B 472 4.35 -22.26 -10.23
C ILE B 472 3.19 -21.30 -10.59
N LEU B 473 2.84 -21.18 -11.89
CA LEU B 473 1.70 -20.33 -12.39
C LEU B 473 0.62 -21.24 -12.97
N LEU B 474 -0.63 -20.78 -12.93
CA LEU B 474 -1.79 -21.41 -13.59
C LEU B 474 -2.42 -20.27 -14.38
N CYS B 475 -2.35 -20.32 -15.71
CA CYS B 475 -2.72 -19.21 -16.62
C CYS B 475 -3.90 -19.66 -17.49
N ALA B 476 -4.97 -18.84 -17.57
CA ALA B 476 -6.21 -19.06 -18.34
C ALA B 476 -6.27 -18.16 -19.59
N TRP B 477 -5.42 -17.14 -19.66
CA TRP B 477 -5.26 -16.26 -20.84
C TRP B 477 -4.41 -16.94 -21.92
N ASN B 478 -4.98 -17.96 -22.57
CA ASN B 478 -4.47 -18.52 -23.85
C ASN B 478 -4.86 -17.54 -24.99
N VAL B 479 -3.94 -16.66 -25.41
CA VAL B 479 -4.11 -15.67 -26.52
C VAL B 479 -4.63 -16.34 -27.83
N LYS B 480 -4.20 -17.56 -28.15
CA LYS B 480 -4.67 -18.26 -29.38
C LYS B 480 -6.18 -18.51 -29.29
N ASP B 481 -6.72 -18.71 -28.09
CA ASP B 481 -8.12 -19.23 -27.91
C ASP B 481 -9.11 -18.12 -27.52
N LEU B 482 -8.66 -16.92 -27.14
CA LEU B 482 -9.54 -15.86 -26.61
C LEU B 482 -10.81 -15.73 -27.46
N ASP B 483 -10.69 -15.53 -28.76
CA ASP B 483 -11.87 -15.30 -29.64
C ASP B 483 -12.79 -16.50 -29.64
N GLN B 484 -12.27 -17.70 -29.36
CA GLN B 484 -13.13 -18.91 -29.32
C GLN B 484 -13.95 -18.90 -28.01
N MET B 485 -13.54 -18.13 -27.00
CA MET B 485 -14.12 -18.20 -25.65
C MET B 485 -15.46 -17.41 -25.62
N ALA B 486 -16.46 -17.88 -24.87
CA ALA B 486 -17.71 -17.15 -24.68
C ALA B 486 -17.30 -15.75 -24.25
N LEU B 487 -16.41 -15.63 -23.26
CA LEU B 487 -15.60 -14.39 -23.06
C LEU B 487 -14.23 -14.67 -22.46
N PRO B 488 -13.23 -13.82 -22.81
CA PRO B 488 -11.88 -13.96 -22.26
C PRO B 488 -11.94 -13.86 -20.74
N PRO B 489 -11.06 -14.58 -20.02
CA PRO B 489 -11.18 -14.64 -18.57
C PRO B 489 -10.88 -13.30 -17.90
N CYS B 490 -11.52 -13.02 -16.74
CA CYS B 490 -11.17 -11.90 -15.83
C CYS B 490 -10.05 -12.34 -14.90
N HIS B 491 -9.99 -13.62 -14.53
CA HIS B 491 -8.95 -14.18 -13.63
C HIS B 491 -7.73 -14.67 -14.44
N ILE B 492 -6.77 -13.80 -14.73
CA ILE B 492 -5.70 -14.08 -15.73
C ILE B 492 -4.85 -15.26 -15.26
N LEU B 493 -4.41 -15.26 -14.02
CA LEU B 493 -3.43 -16.26 -13.57
C LEU B 493 -3.39 -16.36 -12.04
N CYS B 494 -2.94 -17.49 -11.53
CA CYS B 494 -2.54 -17.73 -10.13
C CYS B 494 -1.02 -17.97 -10.08
N GLN B 495 -0.29 -17.30 -9.21
CA GLN B 495 1.08 -17.74 -8.86
C GLN B 495 1.07 -18.21 -7.41
N PHE B 496 1.84 -19.26 -7.11
CA PHE B 496 1.88 -19.94 -5.80
C PHE B 496 3.29 -19.70 -5.24
N TYR B 497 3.36 -19.69 -3.92
CA TYR B 497 4.60 -19.46 -3.13
C TYR B 497 4.52 -20.38 -1.92
N VAL B 498 5.49 -21.27 -1.77
CA VAL B 498 5.62 -22.16 -0.58
C VAL B 498 6.78 -21.68 0.33
N PHE B 499 6.53 -21.59 1.63
CA PHE B 499 7.57 -21.37 2.65
C PHE B 499 7.16 -22.04 3.96
N ASP B 500 8.04 -22.89 4.52
CA ASP B 500 7.89 -23.51 5.87
C ASP B 500 6.53 -24.22 5.95
N GLY B 501 6.24 -25.14 5.03
CA GLY B 501 4.96 -25.86 4.98
C GLY B 501 3.75 -24.94 4.83
N LYS B 502 3.91 -23.74 4.26
CA LYS B 502 2.81 -22.74 4.15
C LYS B 502 2.64 -22.31 2.68
N LEU B 503 1.42 -22.21 2.18
CA LEU B 503 1.20 -21.89 0.74
C LEU B 503 0.50 -20.55 0.63
N SER B 504 1.02 -19.66 -0.22
CA SER B 504 0.36 -18.38 -0.57
C SER B 504 0.05 -18.38 -2.07
N CYS B 505 -0.97 -17.61 -2.46
CA CYS B 505 -1.45 -17.54 -3.85
C CYS B 505 -1.67 -16.07 -4.20
N ILE B 506 -1.01 -15.60 -5.24
CA ILE B 506 -1.41 -14.36 -5.96
C ILE B 506 -2.38 -14.77 -7.06
N MET B 507 -3.41 -13.95 -7.24
CA MET B 507 -4.31 -13.99 -8.40
C MET B 507 -4.38 -12.58 -8.98
N TYR B 508 -4.13 -12.44 -10.28
CA TYR B 508 -4.25 -11.19 -11.05
C TYR B 508 -5.61 -11.15 -11.78
N GLN B 509 -6.46 -10.15 -11.49
CA GLN B 509 -7.80 -10.05 -12.14
C GLN B 509 -7.82 -8.79 -13.00
N ARG B 510 -8.10 -8.92 -14.29
CA ARG B 510 -7.89 -7.85 -15.28
C ARG B 510 -9.06 -6.87 -15.22
N SER B 511 -10.22 -7.36 -14.78
CA SER B 511 -11.48 -6.60 -14.72
C SER B 511 -12.21 -6.96 -13.42
N CYS B 512 -12.46 -5.92 -12.63
CA CYS B 512 -12.87 -6.05 -11.23
C CYS B 512 -14.11 -5.19 -11.05
N ASP B 513 -15.25 -5.85 -10.91
CA ASP B 513 -16.56 -5.26 -10.55
C ASP B 513 -16.61 -5.31 -9.04
N LEU B 514 -16.32 -4.18 -8.41
CA LEU B 514 -16.05 -4.14 -6.96
C LEU B 514 -17.35 -4.48 -6.22
N GLY B 515 -18.50 -4.07 -6.78
CA GLY B 515 -19.83 -4.20 -6.14
C GLY B 515 -20.41 -5.62 -6.18
N LEU B 516 -20.30 -6.35 -7.31
CA LEU B 516 -20.90 -7.70 -7.52
C LEU B 516 -19.82 -8.79 -7.65
N GLY B 517 -18.80 -8.60 -8.47
CA GLY B 517 -17.83 -9.68 -8.78
C GLY B 517 -16.84 -10.00 -7.67
N VAL B 518 -16.10 -8.99 -7.20
CA VAL B 518 -14.85 -9.19 -6.43
C VAL B 518 -15.12 -9.90 -5.12
N PRO B 519 -16.24 -9.60 -4.42
CA PRO B 519 -16.60 -10.30 -3.20
C PRO B 519 -16.60 -11.82 -3.42
N PHE B 520 -17.31 -12.30 -4.46
CA PHE B 520 -17.34 -13.73 -4.85
C PHE B 520 -15.94 -14.17 -5.26
N ASN B 521 -15.21 -13.31 -5.97
CA ASN B 521 -13.88 -13.68 -6.50
C ASN B 521 -12.91 -13.94 -5.35
N ILE B 522 -12.92 -13.09 -4.35
CA ILE B 522 -12.11 -13.30 -3.12
C ILE B 522 -12.43 -14.69 -2.54
N ALA B 523 -13.71 -15.02 -2.43
CA ALA B 523 -14.16 -16.29 -1.82
C ALA B 523 -13.68 -17.47 -2.68
N SER B 524 -13.83 -17.43 -4.00
CA SER B 524 -13.45 -18.58 -4.87
C SER B 524 -11.97 -18.94 -4.67
N TYR B 525 -11.08 -17.95 -4.89
CA TYR B 525 -9.61 -18.14 -4.92
C TYR B 525 -9.11 -18.39 -3.50
N SER B 526 -9.86 -17.99 -2.50
CA SER B 526 -9.49 -18.41 -1.13
C SER B 526 -9.76 -19.93 -1.02
N ILE B 527 -10.93 -20.38 -1.44
CA ILE B 527 -11.26 -21.82 -1.32
C ILE B 527 -10.19 -22.61 -2.09
N PHE B 528 -9.86 -22.18 -3.31
CA PHE B 528 -8.90 -22.86 -4.20
C PHE B 528 -7.57 -23.01 -3.46
N THR B 529 -7.20 -21.95 -2.76
CA THR B 529 -5.94 -21.87 -2.01
C THR B 529 -5.89 -23.02 -0.99
N HIS B 530 -6.94 -23.14 -0.17
CA HIS B 530 -7.14 -24.26 0.79
C HIS B 530 -7.10 -25.59 0.03
N MET B 531 -7.73 -25.65 -1.12
CA MET B 531 -7.84 -26.93 -1.87
C MET B 531 -6.44 -27.39 -2.25
N ILE B 532 -5.70 -26.51 -2.92
CA ILE B 532 -4.31 -26.78 -3.36
C ILE B 532 -3.46 -27.14 -2.13
N ALA B 533 -3.59 -26.36 -1.08
CA ALA B 533 -2.70 -26.46 0.11
C ALA B 533 -2.92 -27.82 0.75
N GLN B 534 -4.18 -28.18 0.97
CA GLN B 534 -4.54 -29.46 1.62
C GLN B 534 -4.00 -30.63 0.77
N VAL B 535 -4.15 -30.59 -0.55
CA VAL B 535 -3.80 -31.77 -1.40
C VAL B 535 -2.27 -31.80 -1.58
N CYS B 536 -1.58 -30.77 -1.08
CA CYS B 536 -0.10 -30.68 -1.06
C CYS B 536 0.47 -30.83 0.38
N ASN B 537 -0.38 -31.06 1.40
CA ASN B 537 -0.07 -31.19 2.85
C ASN B 537 0.67 -29.96 3.35
N LEU B 538 0.34 -28.82 2.76
CA LEU B 538 0.76 -27.50 3.29
C LEU B 538 -0.42 -26.83 3.97
N GLN B 539 -0.08 -25.96 4.90
CA GLN B 539 -1.02 -25.06 5.61
C GLN B 539 -1.23 -23.88 4.67
N PRO B 540 -2.45 -23.35 4.53
CA PRO B 540 -2.66 -22.11 3.80
C PRO B 540 -2.14 -20.93 4.62
N ALA B 541 -1.62 -19.92 3.94
CA ALA B 541 -1.07 -18.65 4.48
C ALA B 541 -1.81 -17.49 3.80
N GLN B 542 -1.21 -16.74 2.88
CA GLN B 542 -1.87 -15.55 2.27
C GLN B 542 -2.46 -15.87 0.90
N PHE B 543 -3.72 -15.47 0.68
CA PHE B 543 -4.35 -15.18 -0.65
C PHE B 543 -4.19 -13.68 -0.92
N ILE B 544 -3.45 -13.35 -1.98
CA ILE B 544 -3.11 -11.97 -2.44
C ILE B 544 -3.84 -11.65 -3.75
N HIS B 545 -4.59 -10.56 -3.78
CA HIS B 545 -5.56 -10.24 -4.87
C HIS B 545 -5.12 -8.94 -5.55
N VAL B 546 -4.61 -9.04 -6.80
CA VAL B 546 -4.17 -7.88 -7.62
C VAL B 546 -5.27 -7.55 -8.58
N LEU B 547 -5.83 -6.34 -8.47
CA LEU B 547 -6.96 -5.87 -9.34
C LEU B 547 -6.34 -5.03 -10.46
N GLY B 548 -6.81 -5.20 -11.67
CA GLY B 548 -6.29 -4.45 -12.82
C GLY B 548 -7.17 -3.25 -13.01
N ASN B 549 -8.13 -3.38 -13.93
CA ASN B 549 -9.20 -2.37 -14.12
C ASN B 549 -10.27 -2.54 -13.04
N ALA B 550 -10.15 -1.75 -11.97
CA ALA B 550 -11.02 -1.84 -10.79
C ALA B 550 -12.11 -0.79 -10.95
N HIS B 551 -13.37 -1.21 -11.00
CA HIS B 551 -14.51 -0.30 -11.30
C HIS B 551 -15.72 -0.51 -10.40
N VAL B 552 -16.50 0.55 -10.27
CA VAL B 552 -17.85 0.55 -9.67
C VAL B 552 -18.84 1.02 -10.72
N TYR B 553 -19.74 0.15 -11.14
CA TYR B 553 -20.89 0.51 -12.00
C TYR B 553 -21.65 1.64 -11.27
N ASN B 554 -22.26 2.57 -12.00
CA ASN B 554 -22.98 3.73 -11.36
C ASN B 554 -24.23 3.24 -10.63
N ASN B 555 -24.90 2.19 -11.12
CA ASN B 555 -26.15 1.69 -10.49
C ASN B 555 -25.82 1.06 -9.11
N HIS B 556 -24.56 0.90 -8.72
CA HIS B 556 -24.16 0.25 -7.45
C HIS B 556 -23.92 1.29 -6.34
N ILE B 557 -23.75 2.57 -6.70
CA ILE B 557 -23.21 3.60 -5.78
C ILE B 557 -24.10 3.72 -4.54
N ASP B 558 -25.42 3.87 -4.73
CA ASP B 558 -26.36 4.08 -3.60
C ASP B 558 -26.34 2.84 -2.69
N SER B 559 -26.07 1.66 -3.25
CA SER B 559 -25.98 0.36 -2.55
C SER B 559 -24.67 0.32 -1.75
N LEU B 560 -23.55 0.64 -2.39
CA LEU B 560 -22.21 0.54 -1.77
C LEU B 560 -22.08 1.54 -0.60
N LYS B 561 -22.78 2.67 -0.63
CA LYS B 561 -22.75 3.70 0.45
C LYS B 561 -23.42 3.11 1.69
N ILE B 562 -24.49 2.35 1.51
CA ILE B 562 -25.11 1.60 2.63
C ILE B 562 -24.03 0.65 3.16
N GLN B 563 -23.28 0.00 2.27
CA GLN B 563 -22.34 -1.08 2.66
C GLN B 563 -21.21 -0.44 3.50
N LEU B 564 -20.69 0.74 3.13
CA LEU B 564 -19.53 1.38 3.81
C LEU B 564 -19.80 1.69 5.30
N ASN B 565 -21.04 2.01 5.64
CA ASN B 565 -21.47 2.46 6.99
C ASN B 565 -21.74 1.26 7.91
N ARG B 566 -21.78 0.03 7.41
CA ARG B 566 -21.91 -1.17 8.27
C ARG B 566 -20.53 -1.57 8.79
N ILE B 567 -20.46 -1.89 10.06
CA ILE B 567 -19.20 -2.28 10.74
C ILE B 567 -19.09 -3.79 10.56
N PRO B 568 -17.96 -4.26 10.01
CA PRO B 568 -17.80 -5.69 9.74
C PRO B 568 -17.87 -6.52 11.03
N TYR B 569 -18.45 -7.71 10.91
CA TYR B 569 -18.42 -8.74 11.97
C TYR B 569 -17.13 -9.53 11.79
N PRO B 570 -16.74 -10.35 12.80
CA PRO B 570 -15.65 -11.29 12.63
C PRO B 570 -15.93 -12.35 11.55
N PHE B 571 -14.85 -12.69 10.86
CA PHE B 571 -14.87 -13.53 9.66
C PHE B 571 -15.16 -14.96 10.10
N PRO B 572 -15.87 -15.73 9.26
CA PRO B 572 -16.05 -17.15 9.50
C PRO B 572 -14.74 -17.90 9.25
N THR B 573 -14.77 -19.22 9.46
CA THR B 573 -13.74 -20.19 9.02
C THR B 573 -14.35 -21.10 7.94
N LEU B 574 -13.50 -21.67 7.09
CA LEU B 574 -13.82 -22.73 6.11
C LEU B 574 -13.27 -24.07 6.61
N LYS B 575 -14.10 -25.09 6.75
CA LYS B 575 -13.58 -26.46 6.95
C LYS B 575 -13.74 -27.27 5.67
N LEU B 576 -12.61 -27.77 5.15
CA LEU B 576 -12.59 -28.83 4.12
C LEU B 576 -12.61 -30.19 4.85
N ASN B 577 -13.40 -31.11 4.29
CA ASN B 577 -13.25 -32.54 4.64
C ASN B 577 -11.78 -32.92 4.49
N PRO B 578 -11.11 -33.35 5.56
CA PRO B 578 -9.66 -33.57 5.52
C PRO B 578 -9.19 -34.88 4.85
N ASP B 579 -10.10 -35.82 4.56
CA ASP B 579 -9.74 -37.09 3.86
C ASP B 579 -9.36 -36.82 2.38
N ILE B 580 -9.76 -35.70 1.78
CA ILE B 580 -9.57 -35.44 0.32
C ILE B 580 -8.11 -35.06 0.07
N LYS B 581 -7.40 -35.78 -0.79
CA LYS B 581 -5.99 -35.47 -1.08
C LYS B 581 -5.71 -35.41 -2.57
N ASN B 582 -6.68 -35.62 -3.46
CA ASN B 582 -6.54 -35.28 -4.90
C ASN B 582 -7.36 -34.04 -5.18
N ILE B 583 -6.81 -33.11 -5.96
CA ILE B 583 -7.52 -31.85 -6.29
C ILE B 583 -8.80 -32.26 -7.00
N GLU B 584 -8.75 -33.38 -7.72
CA GLU B 584 -9.87 -33.87 -8.57
C GLU B 584 -10.99 -34.46 -7.68
N ASP B 585 -10.75 -34.82 -6.40
CA ASP B 585 -11.69 -35.67 -5.61
C ASP B 585 -12.60 -34.86 -4.70
N PHE B 586 -12.70 -33.54 -4.81
CA PHE B 586 -13.66 -32.76 -3.96
C PHE B 586 -15.11 -32.79 -4.49
N THR B 587 -16.06 -32.65 -3.56
CA THR B 587 -17.51 -32.63 -3.81
C THR B 587 -18.12 -31.55 -2.92
N ILE B 588 -19.22 -30.96 -3.34
CA ILE B 588 -19.86 -29.79 -2.68
C ILE B 588 -19.92 -30.04 -1.17
N SER B 589 -20.35 -31.23 -0.77
CA SER B 589 -20.56 -31.55 0.67
C SER B 589 -19.21 -31.48 1.43
N ASP B 590 -18.05 -31.52 0.77
CA ASP B 590 -16.73 -31.42 1.47
C ASP B 590 -16.43 -29.98 1.93
N PHE B 591 -17.34 -29.03 1.71
CA PHE B 591 -17.09 -27.59 1.96
C PHE B 591 -18.08 -27.12 3.03
N THR B 592 -17.60 -26.57 4.13
CA THR B 592 -18.44 -26.07 5.21
C THR B 592 -17.89 -24.72 5.58
N ILE B 593 -18.75 -23.70 5.57
CA ILE B 593 -18.47 -22.38 6.20
C ILE B 593 -18.96 -22.44 7.65
N GLN B 594 -18.20 -21.84 8.56
CA GLN B 594 -18.47 -21.97 10.01
C GLN B 594 -18.55 -20.57 10.64
N ASN B 595 -19.64 -20.33 11.36
CA ASN B 595 -19.80 -19.13 12.20
C ASN B 595 -19.80 -17.90 11.26
N TYR B 596 -20.36 -18.02 10.05
CA TYR B 596 -20.60 -16.84 9.19
C TYR B 596 -21.63 -15.95 9.87
N VAL B 597 -21.19 -14.79 10.41
CA VAL B 597 -22.03 -13.66 10.92
C VAL B 597 -22.00 -12.52 9.88
N HIS B 598 -23.17 -12.09 9.38
CA HIS B 598 -23.28 -11.14 8.25
C HIS B 598 -24.35 -10.08 8.47
N HIS B 599 -24.28 -8.96 7.75
CA HIS B 599 -25.39 -7.97 7.67
C HIS B 599 -26.40 -8.49 6.66
N GLU B 600 -27.56 -7.83 6.52
CA GLU B 600 -28.62 -8.33 5.60
C GLU B 600 -28.18 -8.14 4.15
N LYS B 601 -28.78 -8.94 3.26
CA LYS B 601 -28.54 -8.90 1.79
C LYS B 601 -28.87 -7.51 1.26
N ILE B 602 -28.05 -7.03 0.34
CA ILE B 602 -28.27 -5.83 -0.52
C ILE B 602 -28.19 -6.33 -1.94
N SER B 603 -29.16 -5.98 -2.79
CA SER B 603 -28.98 -5.95 -4.26
C SER B 603 -28.20 -4.65 -4.57
N MET B 604 -27.12 -4.79 -5.31
CA MET B 604 -26.29 -3.64 -5.71
C MET B 604 -27.04 -2.95 -6.84
N ASP B 605 -27.48 -3.74 -7.82
CA ASP B 605 -28.57 -3.47 -8.81
C ASP B 605 -28.94 -1.98 -8.81
N MET B 606 -31.43 -1.61 -6.68
CA MET B 606 -32.66 -0.77 -6.41
C MET B 606 -32.57 -0.18 -5.00
PA NDP C . 22.68 39.03 -2.90
O1A NDP C . 23.13 38.12 -1.86
O2A NDP C . 21.21 39.13 -3.12
O5B NDP C . 23.31 40.54 -2.70
C5B NDP C . 24.08 40.94 -1.53
C4B NDP C . 23.93 42.46 -1.27
O4B NDP C . 23.10 42.52 -0.15
C3B NDP C . 25.27 43.17 -0.86
O3B NDP C . 25.99 43.81 -2.02
C2B NDP C . 24.77 44.20 0.10
O2B NDP C . 24.06 45.18 -0.63
C1B NDP C . 23.71 43.40 0.86
N9A NDP C . 24.24 42.54 1.95
C8A NDP C . 24.50 41.23 1.99
N7A NDP C . 24.97 40.94 3.20
C5A NDP C . 24.99 42.09 3.94
C6A NDP C . 25.36 42.40 5.25
N6A NDP C . 25.84 41.43 6.05
N1A NDP C . 25.24 43.63 5.76
C2A NDP C . 24.79 44.59 4.86
N3A NDP C . 24.43 44.28 3.55
C4A NDP C . 24.52 43.06 3.13
O3 NDP C . 23.49 38.90 -4.30
PN NDP C . 23.95 37.65 -5.26
O1N NDP C . 24.57 38.67 -6.21
O2N NDP C . 24.66 37.04 -4.10
O5D NDP C . 22.34 37.39 -5.46
C5D NDP C . 21.67 37.85 -6.67
C4D NDP C . 21.65 36.72 -7.68
O4D NDP C . 21.25 35.46 -7.05
C3D NDP C . 20.60 37.00 -8.71
O3D NDP C . 20.90 36.25 -9.94
C2D NDP C . 19.35 36.45 -8.10
O2D NDP C . 18.21 36.29 -9.04
C1D NDP C . 19.91 35.11 -7.56
N1N NDP C . 19.05 34.40 -6.53
C2N NDP C . 18.82 33.02 -6.66
C3N NDP C . 18.06 32.30 -5.76
C7N NDP C . 17.79 30.92 -5.89
O7N NDP C . 17.16 30.30 -5.04
N7N NDP C . 18.31 30.30 -6.94
C4N NDP C . 17.55 32.97 -4.66
C5N NDP C . 17.75 34.36 -4.57
C6N NDP C . 18.51 35.06 -5.46
P2B NDP C . 24.68 46.58 -1.12
O1X NDP C . 25.79 46.20 -2.00
O2X NDP C . 23.59 47.19 -1.86
O3X NDP C . 25.07 47.19 0.21
H51A NDP C . 25.03 40.72 -1.68
H52A NDP C . 23.74 40.45 -0.74
H4B NDP C . 23.52 42.94 -2.01
H3B NDP C . 25.89 42.54 -0.40
HO3A NDP C . 25.97 44.66 -1.92
H2B NDP C . 25.51 44.50 0.70
H1B NDP C . 23.04 44.01 1.22
H8A NDP C . 24.41 40.58 1.32
H61A NDP C . 26.07 41.60 6.88
H62A NDP C . 25.93 40.61 5.73
H2A NDP C . 24.75 45.47 5.19
H51N NDP C . 22.14 38.63 -7.06
H52N NDP C . 20.74 38.12 -6.45
H4D NDP C . 22.56 36.61 -8.02
H3D NDP C . 20.50 37.99 -8.85
HO3N NDP C . 20.31 36.42 -10.51
H2D NDP C . 19.04 37.04 -7.37
HO2N NDP C . 17.54 35.96 -8.63
H1D NDP C . 20.04 34.48 -8.31
H2N NDP C . 19.19 32.58 -7.40
H71N NDP C . 18.81 30.74 -7.53
H72N NDP C . 18.17 29.43 -7.06
H41N NDP C . 17.95 32.60 -3.85
H42N NDP C . 16.57 32.86 -4.65
H5N NDP C . 17.34 34.82 -3.84
H6N NDP C . 18.67 35.98 -5.36
N1 UMP D . 15.23 -12.07 -13.53
C2 UMP D . 14.84 -10.78 -13.19
N3 UMP D . 14.38 -10.04 -14.24
C4 UMP D . 14.29 -10.43 -15.56
C5 UMP D . 14.71 -11.78 -15.82
C6 UMP D . 15.18 -12.52 -14.82
O2 UMP D . 14.88 -10.33 -12.04
O4 UMP D . 13.89 -9.65 -16.42
C1' UMP D . 15.74 -12.96 -12.49
C2' UMP D . 14.70 -13.51 -11.53
C3' UMP D . 15.43 -14.76 -11.06
C4' UMP D . 16.01 -15.28 -12.37
O3' UMP D . 16.45 -14.35 -10.16
O4' UMP D . 16.28 -14.10 -13.16
C5' UMP D . 15.13 -16.22 -13.17
O5' UMP D . 14.92 -17.44 -12.40
P UMP D . 13.49 -18.11 -12.41
OP1 UMP D . 13.66 -19.28 -11.46
OP2 UMP D . 12.53 -17.09 -11.92
OP3 UMP D . 13.23 -18.47 -13.85
HN3 UMP D . 14.13 -9.21 -14.04
H5 UMP D . 14.69 -12.11 -16.70
H6 UMP D . 15.47 -13.39 -15.00
H1' UMP D . 16.46 -12.50 -11.98
H2' UMP D . 14.50 -12.92 -10.78
H2'' UMP D . 13.85 -13.74 -11.97
H3' UMP D . 14.80 -15.42 -10.67
H4' UMP D . 16.86 -15.73 -12.18
HO3' UMP D . 17.20 -14.47 -10.52
H5' UMP D . 15.58 -16.45 -14.02
H5'' UMP D . 14.27 -15.79 -13.36
C4 GF6 E . 12.65 31.00 -7.07
C4 GF6 E . 11.67 32.14 -6.92
C5 GF6 E . 12.90 30.05 -6.11
C5 GF6 E . 12.31 33.24 -6.39
C6 GF6 E . 13.58 30.42 -4.96
C6 GF6 E . 13.35 33.03 -5.50
C7 GF6 E . 13.90 29.36 -3.96
C7 GF6 E . 14.06 34.20 -4.92
C8 GF6 E . 14.06 31.71 -4.79
C8 GF6 E . 13.74 31.74 -5.13
N1 GF6 E . 14.17 34.26 -3.46
N1 GF6 E . 12.76 27.51 -4.06
N2 GF6 E . 14.19 34.05 -5.72
N2 GF6 E . 13.41 29.32 -5.34
C3 GF6 E . 13.08 32.31 -6.88
C3 GF6 E . 12.04 30.86 -6.57
C1 GF6 E . 14.32 34.88 -4.65
C1 GF6 E . 13.37 28.71 -4.12
O1 GF6 E . 14.55 36.11 -4.74
O1 GF6 E . 13.86 29.21 -3.10
C2 GF6 E . 13.80 32.68 -5.75
C2 GF6 E . 13.08 30.65 -5.67
F1 GF6 E . 14.02 29.83 -2.70
F1 GF6 E . 14.68 33.90 -3.80
F2 GF6 E . 15.06 28.83 -4.25
F2 GF6 E . 13.24 35.21 -4.65
F3 GF6 E . 13.04 28.33 -3.91
F3 GF6 E . 14.97 34.70 -5.77
H5 GF6 E . 12.18 30.77 -7.85
H5 GF6 E . 10.95 32.27 -7.53
H6 GF6 E . 12.65 29.16 -6.25
H6 GF6 E . 12.06 34.11 -6.64
H7 GF6 E . 14.60 31.94 -4.04
H7 GF6 E . 14.45 31.61 -4.52
H2 GF6 E . 14.25 34.72 -2.72
H2 GF6 E . 12.70 27.08 -3.30
H1 GF6 E . 14.01 33.39 -3.44
H1 GF6 E . 12.42 27.16 -4.80
H3 GF6 E . 14.37 34.38 -6.51
H3 GF6 E . 13.68 28.83 -6.02
H4 GF6 E . 12.89 32.96 -7.54
H4 GF6 E . 11.61 30.12 -6.95
PA NDP F . -20.95 -10.61 39.24
O1A NDP F . -21.84 -9.53 38.68
O2A NDP F . -19.47 -10.49 39.23
O5B NDP F . -21.35 -10.80 40.80
C5B NDP F . -22.54 -10.18 41.37
C4B NDP F . -22.31 -9.93 42.88
O4B NDP F . -21.48 -8.73 43.04
C3B NDP F . -23.59 -9.59 43.71
O3B NDP F . -24.39 -10.74 44.00
C2B NDP F . -22.94 -8.98 44.95
O2B NDP F . -22.03 -9.91 45.77
C1B NDP F . -22.06 -7.98 44.19
N9A NDP F . -22.71 -6.70 43.68
C8A NDP F . -23.38 -6.39 42.56
N7A NDP F . -23.73 -5.11 42.61
C5A NDP F . -23.25 -4.61 43.75
C6A NDP F . -23.30 -3.40 44.30
N6A NDP F . -23.92 -2.45 43.61
N1A NDP F . -22.73 -3.14 45.49
C2A NDP F . -22.08 -4.14 46.19
N3A NDP F . -22.05 -5.40 45.61
C4A NDP F . -22.62 -5.60 44.41
O3 NDP F . -21.37 -12.06 38.61
PN NDP F . -22.55 -12.47 37.47
O1N NDP F . -22.92 -13.65 38.29
O2N NDP F . -23.20 -11.13 37.61
O5D NDP F . -21.16 -12.74 36.58
C5D NDP F . -20.19 -13.80 36.82
C4D NDP F . -19.93 -14.44 35.45
O4D NDP F . -19.21 -13.53 34.58
C3D NDP F . -19.04 -15.67 35.61
O3D NDP F . -19.52 -16.71 34.75
C2D NDP F . -17.67 -15.14 35.18
O2D NDP F . -16.72 -16.18 34.78
C1D NDP F . -18.12 -14.24 34.04
N1N NDP F . -17.19 -13.16 33.67
C2N NDP F . -17.08 -12.83 32.35
C3N NDP F . -16.20 -11.83 31.94
C7N NDP F . -16.04 -11.52 30.58
O7N NDP F . -15.27 -10.63 30.22
N7N NDP F . -16.71 -12.25 29.71
C4N NDP F . -15.41 -11.10 32.89
C5N NDP F . -15.58 -11.44 34.22
C6N NDP F . -16.45 -12.43 34.62
P2B NDP F . -22.23 -10.45 47.33
O1X NDP F . -22.89 -11.74 47.02
O2X NDP F . -20.93 -10.64 48.03
O3X NDP F . -23.09 -9.37 47.86
H51A NDP F . -23.32 -10.78 41.26
H52A NDP F . -22.71 -9.32 40.92
H4B NDP F . -21.85 -10.70 43.28
H3B NDP F . -24.16 -8.93 43.25
HO3A NDP F . -24.36 -10.88 44.84
H2B NDP F . -23.67 -8.63 45.52
H1B NDP F . -21.32 -7.68 44.78
H8A NDP F . -23.59 -6.97 41.85
H61A NDP F . -23.98 -1.63 43.94
H62A NDP F . -24.28 -2.65 42.83
H2A NDP F . -21.71 -3.89 47.02
H51N NDP F . -20.57 -14.46 37.46
H52N NDP F . -19.37 -13.42 37.20
H4D NDP F . -20.80 -14.63 35.03
H3D NDP F . -19.02 -15.95 36.55
HO3N NDP F . -19.01 -17.39 34.84
H2D NDP F . -17.25 -14.64 35.92
HO2N NDP F . -15.99 -15.83 34.56
H1D NDP F . -18.42 -14.76 33.25
H2N NDP F . -17.59 -13.29 31.70
H71N NDP F . -17.23 -12.92 29.98
H72N NDP F . -16.63 -12.08 28.84
H41N NDP F . -15.62 -10.16 32.81
H42N NDP F . -14.46 -11.26 32.68
H5N NDP F . -15.07 -10.97 34.88
H6N NDP F . -16.57 -12.63 35.53
N1 UMP G . -16.13 -9.63 -13.72
C2 UMP G . -15.62 -9.71 -12.44
N3 UMP G . -15.36 -10.99 -12.02
C4 UMP G . -15.58 -12.16 -12.73
C5 UMP G . -16.15 -11.97 -14.04
C6 UMP G . -16.43 -10.74 -14.48
O2 UMP G . -15.39 -8.74 -11.73
O4 UMP G . -15.32 -13.24 -12.20
C1' UMP G . -16.53 -8.31 -14.17
C2' UMP G . -15.45 -7.47 -14.82
C3' UMP G . -16.34 -6.61 -15.71
C4' UMP G . -17.19 -7.73 -16.33
O3' UMP G . -17.17 -5.70 -14.99
O4' UMP G . -17.53 -8.52 -15.17
C5' UMP G . -16.52 -8.57 -17.41
O5' UMP G . -16.54 -7.83 -18.66
P UMP G . -15.18 -7.40 -19.38
OP1 UMP G . -14.69 -8.65 -20.04
OP2 UMP G . -14.27 -6.91 -18.32
OP3 UMP G . -15.54 -6.33 -20.38
HN3 UMP G . -15.02 -11.06 -11.21
H5 UMP G . -16.35 -12.72 -14.57
H6 UMP G . -16.88 -10.62 -15.28
H1' UMP G . -16.92 -7.82 -13.40
H2' UMP G . -14.94 -6.93 -14.20
H2'' UMP G . -14.80 -7.99 -15.35
H3' UMP G . -15.79 -6.06 -16.33
H4' UMP G . -18.03 -7.36 -16.69
HO3' UMP G . -17.98 -5.96 -15.06
H5' UMP G . -17.01 -9.42 -17.52
H5'' UMP G . -15.59 -8.75 -17.15
#